data_5GN3
#
_entry.id   5GN3
#
_cell.length_a   70.956
_cell.length_b   90.068
_cell.length_c   256.269
_cell.angle_alpha   90.00
_cell.angle_beta   90.00
_cell.angle_gamma   90.00
#
_symmetry.space_group_name_H-M   'P 21 21 21'
#
loop_
_entity.id
_entity.type
_entity.pdbx_description
1 polymer 'Blr0248 protein'
2 water water
#
_entity_poly.entity_id   1
_entity_poly.type   'polypeptide(L)'
_entity_poly.pdbx_seq_one_letter_code
;(MSE)LTEFDAGYGEQPFRDLCANYPGAEAYDPHDFRIEWGPIFHRGRLDGSARVLIVGQDPAQHETIVRRILVGTAGRR
TQGFLAKLGIVQSYV(MSE)VNTFLYSVYGQSGGSKHKNEPGIVDYRNKWFKAVLGPGNIEAVVSLGGLADEAWKAWLKS
SDGAAYKTLAYQHITHPTWPESSAHDSATQAANTKI(MSE)LAKWNAALAALAPEVKHPDVPTTLVPYGDAFKPSELVDI
IAKDLPAGLPAW(MSE)RGDTPWAVRQGVDAAAKRRTI(MSE)ITIPDGVIP
;
_entity_poly.pdbx_strand_id   A,B,C,D
#
# COMPACT_ATOMS: atom_id res chain seq x y z
N MSE A 1 -19.03 27.79 0.31
CA MSE A 1 -18.00 27.78 -0.72
C MSE A 1 -17.28 26.43 -0.77
O MSE A 1 -16.11 26.37 -1.20
CB MSE A 1 -16.99 28.89 -0.44
CG MSE A 1 -17.57 30.29 -0.58
SE MSE A 1 -18.27 30.69 -2.32
CE MSE A 1 -16.60 30.67 -3.31
N LEU A 2 -17.95 25.37 -0.36
CA LEU A 2 -17.36 24.03 -0.35
C LEU A 2 -18.00 23.14 -1.41
N THR A 3 -17.19 22.75 -2.39
CA THR A 3 -17.66 21.88 -3.46
C THR A 3 -17.01 20.50 -3.37
N GLU A 4 -17.82 19.45 -3.49
CA GLU A 4 -17.33 18.09 -3.39
C GLU A 4 -16.81 17.53 -4.72
N PHE A 5 -16.07 16.42 -4.63
CA PHE A 5 -15.51 15.81 -5.83
C PHE A 5 -15.20 14.35 -5.62
N ASP A 6 -15.05 13.62 -6.73
CA ASP A 6 -14.67 12.22 -6.67
C ASP A 6 -13.15 12.08 -6.72
N ALA A 7 -12.58 11.61 -5.63
CA ALA A 7 -11.12 11.44 -5.56
C ALA A 7 -10.68 10.30 -6.48
N GLY A 8 -11.57 9.36 -6.76
CA GLY A 8 -11.25 8.33 -7.72
C GLY A 8 -10.77 6.98 -7.18
N TYR A 9 -9.63 6.53 -7.69
CA TYR A 9 -9.26 5.12 -7.63
C TYR A 9 -7.99 4.81 -6.84
N GLY A 10 -7.72 5.59 -5.80
CA GLY A 10 -6.51 5.38 -5.01
C GLY A 10 -6.55 4.14 -4.12
N GLU A 11 -7.74 3.71 -3.68
CA GLU A 11 -7.85 2.55 -2.79
C GLU A 11 -7.92 1.23 -3.52
N GLN A 12 -7.37 0.17 -2.91
CA GLN A 12 -7.55 -1.18 -3.40
C GLN A 12 -8.97 -1.64 -3.13
N PRO A 13 -9.49 -2.57 -3.95
CA PRO A 13 -8.90 -3.20 -5.14
C PRO A 13 -8.97 -2.32 -6.39
N PHE A 14 -9.58 -1.15 -6.30
CA PHE A 14 -9.80 -0.33 -7.48
C PHE A 14 -8.52 0.14 -8.10
N ARG A 15 -7.51 0.41 -7.27
CA ARG A 15 -6.21 0.84 -7.77
C ARG A 15 -5.57 -0.21 -8.68
N ASP A 16 -5.61 -1.49 -8.32
CA ASP A 16 -4.99 -2.51 -9.18
C ASP A 16 -5.85 -2.79 -10.41
N LEU A 17 -7.16 -2.67 -10.26
CA LEU A 17 -8.07 -2.81 -11.39
C LEU A 17 -7.78 -1.76 -12.47
N CYS A 18 -7.61 -0.50 -12.07
CA CYS A 18 -7.42 0.59 -13.06
C CYS A 18 -6.03 0.60 -13.67
N ALA A 19 -5.09 -0.09 -13.03
CA ALA A 19 -3.73 -0.15 -13.55
C ALA A 19 -3.54 -1.36 -14.48
N ASN A 20 -4.51 -2.27 -14.49
CA ASN A 20 -4.41 -3.50 -15.26
C ASN A 20 -5.69 -3.75 -16.01
N TYR A 21 -6.01 -2.88 -16.94
CA TYR A 21 -7.29 -2.94 -17.60
C TYR A 21 -7.08 -3.55 -19.00
N PRO A 22 -8.13 -4.12 -19.58
CA PRO A 22 -8.02 -4.73 -20.92
C PRO A 22 -7.92 -3.71 -22.04
N GLY A 23 -7.12 -4.04 -23.06
CA GLY A 23 -6.99 -3.22 -24.25
C GLY A 23 -7.44 -3.99 -25.48
N ALA A 24 -6.68 -3.87 -26.57
CA ALA A 24 -7.07 -4.45 -27.86
C ALA A 24 -7.14 -5.98 -27.84
N GLU A 25 -6.46 -6.61 -26.91
CA GLU A 25 -6.46 -8.05 -26.87
C GLU A 25 -7.84 -8.60 -26.46
N ALA A 26 -8.67 -7.78 -25.82
CA ALA A 26 -10.01 -8.21 -25.42
C ALA A 26 -11.08 -7.42 -26.19
N TYR A 27 -10.81 -6.14 -26.41
CA TYR A 27 -11.74 -5.28 -27.12
C TYR A 27 -11.19 -4.98 -28.51
N ASP A 28 -11.84 -5.53 -29.53
CA ASP A 28 -11.46 -5.35 -30.91
C ASP A 28 -11.34 -3.86 -31.28
N PRO A 29 -10.18 -3.45 -31.79
CA PRO A 29 -9.89 -2.04 -32.08
C PRO A 29 -10.74 -1.41 -33.19
N HIS A 30 -11.39 -2.22 -34.03
CA HIS A 30 -12.31 -1.68 -35.02
C HIS A 30 -13.69 -1.54 -34.43
N ASP A 31 -14.12 -2.54 -33.65
CA ASP A 31 -15.51 -2.57 -33.18
C ASP A 31 -15.76 -1.82 -31.86
N PHE A 32 -14.70 -1.34 -31.23
CA PHE A 32 -14.80 -0.58 -29.98
C PHE A 32 -13.96 0.70 -30.10
N ARG A 33 -14.43 1.81 -29.53
CA ARG A 33 -13.61 3.03 -29.54
C ARG A 33 -12.56 2.98 -28.42
N ILE A 34 -11.63 2.03 -28.51
CA ILE A 34 -10.63 1.89 -27.46
C ILE A 34 -9.64 3.05 -27.48
N GLU A 35 -9.67 3.83 -28.56
CA GLU A 35 -8.74 4.94 -28.76
C GLU A 35 -8.95 6.06 -27.74
N TRP A 36 -10.09 6.06 -27.05
CA TRP A 36 -10.36 7.10 -26.05
C TRP A 36 -9.95 6.67 -24.63
N GLY A 37 -9.50 5.43 -24.48
CA GLY A 37 -9.19 4.92 -23.16
C GLY A 37 -10.44 4.49 -22.39
N PRO A 38 -10.26 3.64 -21.39
CA PRO A 38 -11.43 3.11 -20.66
C PRO A 38 -12.09 4.11 -19.74
N ILE A 39 -13.40 4.02 -19.57
CA ILE A 39 -14.12 4.80 -18.56
C ILE A 39 -14.72 3.81 -17.54
N PHE A 40 -14.38 3.95 -16.26
CA PHE A 40 -14.60 2.84 -15.32
C PHE A 40 -15.93 2.81 -14.57
N HIS A 41 -16.38 3.95 -14.07
CA HIS A 41 -17.52 3.92 -13.16
C HIS A 41 -18.11 5.31 -12.99
N ARG A 42 -19.15 5.39 -12.17
CA ARG A 42 -19.61 6.64 -11.59
C ARG A 42 -20.19 6.34 -10.21
N GLY A 43 -19.91 7.19 -9.23
CA GLY A 43 -20.48 7.04 -7.90
C GLY A 43 -19.54 6.57 -6.82
N ARG A 44 -20.11 5.97 -5.78
CA ARG A 44 -19.37 5.64 -4.56
C ARG A 44 -18.54 4.37 -4.67
N LEU A 45 -17.28 4.46 -4.28
CA LEU A 45 -16.44 3.30 -4.21
C LEU A 45 -16.00 3.06 -2.75
N ASP A 46 -16.52 3.87 -1.85
CA ASP A 46 -16.16 3.77 -0.43
C ASP A 46 -17.04 2.77 0.32
N GLY A 47 -17.98 2.15 -0.36
CA GLY A 47 -18.82 1.13 0.27
C GLY A 47 -20.19 1.64 0.72
N SER A 48 -20.46 2.92 0.54
CA SER A 48 -21.70 3.49 1.03
C SER A 48 -22.83 3.40 -0.01
N ALA A 49 -22.55 2.87 -1.20
CA ALA A 49 -23.59 2.72 -2.25
C ALA A 49 -24.68 1.71 -1.86
N ARG A 50 -25.93 2.07 -2.13
CA ARG A 50 -27.06 1.18 -1.86
C ARG A 50 -27.66 0.58 -3.12
N VAL A 51 -27.49 1.25 -4.26
CA VAL A 51 -28.00 0.76 -5.53
C VAL A 51 -26.85 0.60 -6.53
N LEU A 52 -26.79 -0.55 -7.21
CA LEU A 52 -25.86 -0.73 -8.31
C LEU A 52 -26.61 -0.53 -9.64
N ILE A 53 -26.09 0.36 -10.48
CA ILE A 53 -26.61 0.56 -11.84
C ILE A 53 -25.65 -0.09 -12.82
N VAL A 54 -26.15 -0.94 -13.70
CA VAL A 54 -25.33 -1.53 -14.74
C VAL A 54 -25.77 -0.96 -16.07
N GLY A 55 -24.92 -0.15 -16.70
CA GLY A 55 -25.26 0.43 -18.00
C GLY A 55 -24.66 -0.37 -19.14
N GLN A 56 -24.70 0.17 -20.34
CA GLN A 56 -24.15 -0.53 -21.49
C GLN A 56 -22.72 -0.09 -21.87
N ASP A 57 -22.56 1.14 -22.36
CA ASP A 57 -21.26 1.61 -22.84
C ASP A 57 -21.23 3.15 -22.89
N PRO A 58 -20.04 3.74 -22.80
CA PRO A 58 -19.91 5.21 -22.71
C PRO A 58 -20.01 5.93 -24.06
N ALA A 59 -20.30 7.24 -24.06
CA ALA A 59 -20.32 8.06 -25.27
C ALA A 59 -19.41 9.29 -25.11
N GLN A 60 -19.69 10.38 -25.85
CA GLN A 60 -18.66 11.41 -25.96
C GLN A 60 -18.55 12.29 -24.69
N HIS A 61 -19.64 12.51 -23.97
CA HIS A 61 -19.56 13.28 -22.73
C HIS A 61 -18.74 12.54 -21.67
N GLU A 62 -18.94 11.23 -21.57
CA GLU A 62 -18.22 10.38 -20.63
C GLU A 62 -16.74 10.39 -20.91
N THR A 63 -16.41 10.46 -22.20
CA THR A 63 -15.03 10.49 -22.68
C THR A 63 -14.28 11.75 -22.21
N ILE A 64 -14.99 12.84 -21.99
CA ILE A 64 -14.34 14.03 -21.49
C ILE A 64 -14.32 14.04 -19.95
N VAL A 65 -15.46 13.74 -19.33
CA VAL A 65 -15.58 13.80 -17.89
C VAL A 65 -14.80 12.69 -17.18
N ARG A 66 -14.70 11.53 -17.85
CA ARG A 66 -14.03 10.34 -17.33
C ARG A 66 -14.84 9.62 -16.25
N ARG A 67 -16.16 9.83 -16.26
CA ARG A 67 -17.06 9.04 -15.44
C ARG A 67 -18.21 8.63 -16.34
N ILE A 68 -18.88 7.51 -16.05
CA ILE A 68 -19.93 7.02 -16.97
C ILE A 68 -21.29 7.66 -16.72
N LEU A 69 -22.22 7.47 -17.69
CA LEU A 69 -23.62 7.92 -17.56
C LEU A 69 -23.71 9.38 -17.15
N VAL A 70 -23.12 10.23 -17.94
CA VAL A 70 -23.06 11.63 -17.61
C VAL A 70 -23.80 12.51 -18.64
N GLY A 71 -24.32 11.88 -19.69
CA GLY A 71 -25.13 12.61 -20.66
C GLY A 71 -26.60 12.54 -20.32
N THR A 72 -27.42 12.57 -21.37
CA THR A 72 -28.87 12.53 -21.23
C THR A 72 -29.36 11.25 -20.54
N ALA A 73 -28.79 10.11 -20.90
CA ALA A 73 -29.14 8.86 -20.25
C ALA A 73 -28.85 8.93 -18.75
N GLY A 74 -27.79 9.65 -18.39
CA GLY A 74 -27.38 9.78 -17.00
C GLY A 74 -28.35 10.61 -16.16
N ARG A 75 -28.87 11.70 -16.73
CA ARG A 75 -29.80 12.57 -16.00
C ARG A 75 -31.17 11.91 -15.83
N ARG A 76 -31.55 11.05 -16.77
CA ARG A 76 -32.78 10.29 -16.63
C ARG A 76 -32.62 9.22 -15.55
N THR A 77 -31.45 8.60 -15.54
CA THR A 77 -31.12 7.59 -14.52
C THR A 77 -31.06 8.21 -13.13
N GLN A 78 -30.42 9.39 -13.00
CA GLN A 78 -30.36 10.12 -11.72
C GLN A 78 -31.75 10.38 -11.20
N GLY A 79 -32.65 10.77 -12.09
CA GLY A 79 -34.02 11.05 -11.71
C GLY A 79 -34.76 9.79 -11.31
N PHE A 80 -34.45 8.68 -11.97
CA PHE A 80 -34.99 7.38 -11.57
C PHE A 80 -34.55 7.08 -10.13
N LEU A 81 -33.27 7.25 -9.85
CA LEU A 81 -32.77 7.03 -8.51
C LEU A 81 -33.41 7.97 -7.50
N ALA A 82 -33.61 9.22 -7.90
CA ALA A 82 -34.23 10.19 -7.00
C ALA A 82 -35.64 9.75 -6.54
N LYS A 83 -36.37 9.04 -7.40
CA LYS A 83 -37.73 8.65 -7.05
C LYS A 83 -37.70 7.60 -5.95
N LEU A 84 -36.57 6.91 -5.82
CA LEU A 84 -36.32 5.98 -4.73
C LEU A 84 -35.66 6.62 -3.51
N GLY A 85 -35.52 7.94 -3.51
CA GLY A 85 -34.86 8.61 -2.41
C GLY A 85 -33.34 8.46 -2.40
N ILE A 86 -32.76 8.03 -3.51
CA ILE A 86 -31.31 7.87 -3.62
C ILE A 86 -30.70 9.08 -4.33
N VAL A 87 -29.92 9.88 -3.61
CA VAL A 87 -29.35 11.08 -4.20
C VAL A 87 -27.85 10.96 -4.44
N GLN A 88 -27.16 10.21 -3.58
CA GLN A 88 -25.73 10.05 -3.78
C GLN A 88 -25.26 8.61 -3.55
N SER A 89 -26.09 7.78 -2.94
CA SER A 89 -25.63 6.44 -2.55
C SER A 89 -25.83 5.36 -3.62
N TYR A 90 -25.11 5.48 -4.71
CA TYR A 90 -25.20 4.54 -5.81
C TYR A 90 -23.81 4.31 -6.34
N VAL A 91 -23.65 3.29 -7.16
CA VAL A 91 -22.41 3.07 -7.90
C VAL A 91 -22.84 2.54 -9.26
N MSE A 92 -22.13 2.93 -10.30
CA MSE A 92 -22.49 2.56 -11.67
C MSE A 92 -21.30 1.98 -12.43
O MSE A 92 -20.20 2.53 -12.38
CB MSE A 92 -23.03 3.80 -12.40
CG MSE A 92 -23.95 4.65 -11.57
SE MSE A 92 -24.87 5.97 -12.62
CE MSE A 92 -26.10 6.69 -11.30
N VAL A 93 -21.51 0.88 -13.11
CA VAL A 93 -20.50 0.30 -13.99
C VAL A 93 -21.17 -0.02 -15.32
N ASN A 94 -20.39 -0.08 -16.39
CA ASN A 94 -20.94 -0.38 -17.71
C ASN A 94 -20.65 -1.83 -18.10
N THR A 95 -21.47 -2.36 -18.99
CA THR A 95 -21.20 -3.65 -19.63
C THR A 95 -19.83 -3.62 -20.33
N PHE A 96 -19.58 -2.54 -21.05
CA PHE A 96 -18.33 -2.38 -21.78
C PHE A 96 -17.51 -1.18 -21.31
N LEU A 97 -16.20 -1.37 -21.25
CA LEU A 97 -15.28 -0.32 -20.81
C LEU A 97 -15.18 0.80 -21.84
N TYR A 98 -15.49 0.44 -23.09
CA TYR A 98 -15.32 1.31 -24.22
C TYR A 98 -16.61 1.43 -24.99
N SER A 99 -16.75 2.53 -25.70
CA SER A 99 -17.86 2.74 -26.60
C SER A 99 -17.91 1.72 -27.73
N VAL A 100 -19.10 1.22 -28.02
CA VAL A 100 -19.32 0.33 -29.15
C VAL A 100 -19.22 1.17 -30.42
N TYR A 101 -18.40 0.77 -31.37
CA TYR A 101 -18.31 1.46 -32.62
C TYR A 101 -19.18 0.79 -33.63
N GLY A 102 -20.25 1.43 -34.01
CA GLY A 102 -21.16 0.85 -34.97
C GLY A 102 -22.57 0.77 -34.49
N GLN A 103 -23.45 0.55 -35.44
CA GLN A 103 -24.89 0.70 -35.34
C GLN A 103 -25.51 -0.19 -34.30
N SER A 104 -25.13 -1.45 -34.36
CA SER A 104 -25.69 -2.50 -33.59
C SER A 104 -24.55 -3.46 -33.45
N GLY A 105 -23.38 -2.90 -33.10
CA GLY A 105 -22.20 -3.70 -32.85
C GLY A 105 -22.54 -4.93 -32.04
N GLY A 106 -23.63 -4.87 -31.29
CA GLY A 106 -24.04 -6.00 -30.50
C GLY A 106 -23.23 -5.82 -29.28
N SER A 107 -22.99 -6.87 -28.58
CA SER A 107 -23.52 -8.21 -28.82
C SER A 107 -22.78 -9.06 -29.82
N LYS A 108 -21.77 -8.53 -30.46
CA LYS A 108 -20.94 -9.29 -31.33
C LYS A 108 -19.78 -9.82 -30.51
N HIS A 109 -19.33 -9.06 -29.53
CA HIS A 109 -18.22 -9.44 -28.67
C HIS A 109 -18.58 -9.65 -27.22
N LYS A 110 -19.85 -9.73 -26.91
CA LYS A 110 -20.29 -9.89 -25.53
C LYS A 110 -19.76 -11.14 -24.85
N ASN A 111 -19.26 -12.05 -25.62
CA ASN A 111 -18.84 -13.37 -25.16
C ASN A 111 -17.33 -13.47 -24.98
N GLU A 112 -16.64 -12.37 -25.23
CA GLU A 112 -15.19 -12.33 -25.09
C GLU A 112 -14.80 -12.51 -23.64
N PRO A 113 -14.00 -13.54 -23.33
CA PRO A 113 -13.65 -13.80 -21.92
C PRO A 113 -12.92 -12.61 -21.31
N GLY A 114 -11.99 -12.01 -22.05
CA GLY A 114 -11.25 -10.85 -21.57
C GLY A 114 -12.18 -9.73 -21.12
N ILE A 115 -13.26 -9.51 -21.86
CA ILE A 115 -14.25 -8.48 -21.50
C ILE A 115 -15.06 -8.87 -20.24
N VAL A 116 -15.68 -10.04 -20.26
CA VAL A 116 -16.54 -10.49 -19.17
C VAL A 116 -15.77 -10.70 -17.84
N ASP A 117 -14.60 -11.32 -17.91
CA ASP A 117 -13.84 -11.57 -16.70
C ASP A 117 -13.42 -10.28 -15.99
N TYR A 118 -13.02 -9.26 -16.75
CA TYR A 118 -12.65 -7.98 -16.16
C TYR A 118 -13.89 -7.28 -15.58
N ARG A 119 -15.00 -7.28 -16.30
CA ARG A 119 -16.20 -6.69 -15.77
C ARG A 119 -16.65 -7.40 -14.48
N ASN A 120 -16.52 -8.72 -14.44
CA ASN A 120 -16.90 -9.43 -13.23
C ASN A 120 -16.04 -9.05 -12.02
N LYS A 121 -14.75 -8.74 -12.23
CA LYS A 121 -13.89 -8.28 -11.12
C LYS A 121 -14.41 -6.98 -10.55
N TRP A 122 -14.96 -6.10 -11.40
CA TRP A 122 -15.58 -4.86 -10.91
C TRP A 122 -16.88 -5.10 -10.12
N PHE A 123 -17.74 -6.00 -10.61
CA PHE A 123 -18.94 -6.41 -9.87
C PHE A 123 -18.52 -6.91 -8.50
N LYS A 124 -17.54 -7.80 -8.51
CA LYS A 124 -17.04 -8.39 -7.28
C LYS A 124 -16.57 -7.31 -6.30
N ALA A 125 -15.82 -6.35 -6.81
CA ALA A 125 -15.28 -5.28 -5.97
C ALA A 125 -16.36 -4.34 -5.42
N VAL A 126 -17.33 -3.91 -6.25
CA VAL A 126 -18.34 -2.97 -5.72
C VAL A 126 -19.38 -3.66 -4.82
N LEU A 127 -19.64 -4.95 -5.04
CA LEU A 127 -20.61 -5.66 -4.20
C LEU A 127 -19.94 -6.15 -2.90
N GLY A 128 -18.61 -6.22 -2.92
CA GLY A 128 -17.82 -6.70 -1.79
C GLY A 128 -18.22 -6.29 -0.38
N PRO A 129 -18.31 -4.97 -0.13
CA PRO A 129 -18.67 -4.42 1.18
C PRO A 129 -20.04 -4.89 1.70
N GLY A 130 -20.91 -5.38 0.83
CA GLY A 130 -22.17 -5.97 1.26
C GLY A 130 -23.29 -5.01 1.60
N ASN A 131 -23.20 -3.78 1.11
CA ASN A 131 -24.22 -2.79 1.43
C ASN A 131 -25.21 -2.51 0.31
N ILE A 132 -24.97 -3.10 -0.85
CA ILE A 132 -25.87 -2.89 -1.96
C ILE A 132 -27.19 -3.64 -1.76
N GLU A 133 -28.29 -2.91 -1.89
CA GLU A 133 -29.64 -3.42 -1.69
C GLU A 133 -30.47 -3.67 -2.95
N ALA A 134 -30.07 -3.10 -4.09
CA ALA A 134 -30.81 -3.29 -5.32
C ALA A 134 -29.91 -3.11 -6.54
N VAL A 135 -30.20 -3.86 -7.59
CA VAL A 135 -29.45 -3.75 -8.83
C VAL A 135 -30.39 -3.42 -9.97
N VAL A 136 -30.02 -2.44 -10.79
CA VAL A 136 -30.79 -2.06 -11.94
C VAL A 136 -29.92 -2.11 -13.18
N SER A 137 -30.35 -2.84 -14.19
CA SER A 137 -29.60 -2.87 -15.45
C SER A 137 -30.33 -2.03 -16.47
N LEU A 138 -29.58 -1.31 -17.30
CA LEU A 138 -30.15 -0.46 -18.33
C LEU A 138 -30.01 -1.13 -19.69
N GLY A 139 -31.07 -1.75 -20.20
CA GLY A 139 -30.99 -2.37 -21.52
C GLY A 139 -30.62 -3.84 -21.48
N GLY A 140 -30.72 -4.51 -22.63
CA GLY A 140 -30.51 -5.94 -22.70
C GLY A 140 -29.11 -6.49 -22.47
N LEU A 141 -28.09 -5.86 -23.03
CA LEU A 141 -26.73 -6.36 -22.81
C LEU A 141 -26.31 -6.26 -21.34
N ALA A 142 -26.80 -5.23 -20.64
CA ALA A 142 -26.51 -5.09 -19.20
C ALA A 142 -27.25 -6.18 -18.43
N ASP A 143 -28.45 -6.46 -18.87
CA ASP A 143 -29.27 -7.49 -18.24
C ASP A 143 -28.58 -8.83 -18.41
N GLU A 144 -28.04 -9.10 -19.60
CA GLU A 144 -27.31 -10.34 -19.81
C GLU A 144 -26.02 -10.39 -19.02
N ALA A 145 -25.41 -9.23 -18.81
CA ALA A 145 -24.16 -9.16 -18.07
C ALA A 145 -24.40 -9.51 -16.62
N TRP A 146 -25.50 -9.02 -16.07
CA TRP A 146 -25.82 -9.33 -14.68
C TRP A 146 -26.16 -10.81 -14.48
N LYS A 147 -26.94 -11.37 -15.40
CA LYS A 147 -27.33 -12.77 -15.30
C LYS A 147 -26.15 -13.71 -15.44
N ALA A 148 -25.19 -13.37 -16.32
CA ALA A 148 -23.96 -14.14 -16.47
C ALA A 148 -23.07 -14.06 -15.23
N TRP A 149 -23.06 -12.89 -14.59
CA TRP A 149 -22.37 -12.73 -13.31
C TRP A 149 -22.98 -13.68 -12.25
N LEU A 150 -24.30 -13.78 -12.22
CA LEU A 150 -24.97 -14.64 -11.23
C LEU A 150 -24.64 -16.10 -11.41
N LYS A 151 -24.28 -16.50 -12.61
CA LYS A 151 -23.94 -17.90 -12.87
C LYS A 151 -22.49 -18.21 -12.54
N SER A 152 -21.68 -17.20 -12.27
CA SER A 152 -20.29 -17.45 -11.90
C SER A 152 -20.22 -17.79 -10.42
N SER A 153 -19.09 -18.34 -9.99
CA SER A 153 -18.92 -18.75 -8.60
C SER A 153 -19.07 -17.59 -7.63
N ASP A 154 -18.37 -16.49 -7.89
CA ASP A 154 -18.40 -15.34 -6.99
C ASP A 154 -19.76 -14.67 -7.01
N GLY A 155 -20.47 -14.79 -8.11
CA GLY A 155 -21.78 -14.15 -8.27
C GLY A 155 -22.94 -14.92 -7.65
N ALA A 156 -22.71 -16.18 -7.33
CA ALA A 156 -23.76 -17.05 -6.80
C ALA A 156 -24.46 -16.46 -5.58
N ALA A 157 -23.70 -15.76 -4.75
CA ALA A 157 -24.24 -15.19 -3.53
C ALA A 157 -25.28 -14.10 -3.78
N TYR A 158 -25.39 -13.61 -5.02
CA TYR A 158 -26.24 -12.45 -5.27
C TYR A 158 -27.51 -12.79 -6.02
N LYS A 159 -27.83 -14.08 -6.12
CA LYS A 159 -29.06 -14.49 -6.79
C LYS A 159 -30.30 -13.95 -6.10
N THR A 160 -30.22 -13.70 -4.80
CA THR A 160 -31.39 -13.19 -4.07
C THR A 160 -31.45 -11.65 -3.99
N LEU A 161 -30.39 -10.98 -4.45
CA LEU A 161 -30.34 -9.52 -4.41
C LEU A 161 -31.40 -8.92 -5.34
N ALA A 162 -32.22 -8.02 -4.80
CA ALA A 162 -33.30 -7.42 -5.57
C ALA A 162 -32.81 -6.80 -6.88
N TYR A 163 -33.48 -7.15 -7.98
CA TYR A 163 -32.98 -6.85 -9.31
C TYR A 163 -34.11 -6.48 -10.28
N GLN A 164 -33.90 -5.42 -11.05
CA GLN A 164 -34.82 -5.02 -12.11
C GLN A 164 -34.05 -4.69 -13.37
N HIS A 165 -34.51 -5.28 -14.47
CA HIS A 165 -34.05 -4.91 -15.80
C HIS A 165 -34.99 -3.85 -16.33
N ILE A 166 -34.50 -2.71 -16.73
CA ILE A 166 -35.35 -1.68 -17.27
C ILE A 166 -34.90 -1.23 -18.66
N THR A 167 -35.79 -0.64 -19.39
CA THR A 167 -35.50 -0.21 -20.72
C THR A 167 -34.44 0.87 -20.74
N HIS A 168 -33.52 0.78 -21.67
CA HIS A 168 -32.49 1.77 -21.79
C HIS A 168 -33.01 3.20 -21.93
N PRO A 169 -32.41 4.10 -21.06
CA PRO A 169 -32.97 5.46 -21.08
C PRO A 169 -33.13 6.20 -22.41
N THR A 170 -32.22 6.05 -23.34
CA THR A 170 -32.35 6.71 -24.61
C THR A 170 -33.08 5.91 -25.69
N TRP A 171 -33.70 4.82 -25.32
CA TRP A 171 -34.40 3.98 -26.28
C TRP A 171 -35.46 4.73 -27.12
N PRO A 172 -36.25 5.64 -26.51
CA PRO A 172 -37.21 6.35 -27.37
C PRO A 172 -36.59 7.12 -28.53
N GLU A 173 -35.45 7.76 -28.31
CA GLU A 173 -34.83 8.55 -29.37
C GLU A 173 -34.10 7.67 -30.38
N SER A 174 -33.71 6.46 -29.99
CA SER A 174 -32.97 5.61 -30.93
C SER A 174 -33.91 4.71 -31.74
N SER A 175 -35.16 4.61 -31.32
CA SER A 175 -36.16 3.72 -31.94
C SER A 175 -36.85 4.35 -33.15
N ALA A 176 -36.82 5.67 -33.23
CA ALA A 176 -37.48 6.40 -34.31
C ALA A 176 -36.88 7.80 -34.41
N HIS A 177 -37.00 8.41 -35.57
CA HIS A 177 -36.48 9.76 -35.76
C HIS A 177 -37.68 10.70 -35.68
N ASP A 178 -38.85 10.14 -35.94
CA ASP A 178 -40.12 10.83 -35.81
C ASP A 178 -40.43 11.27 -34.37
N SER A 179 -40.81 12.54 -34.20
CA SER A 179 -41.18 13.07 -32.87
C SER A 179 -42.36 12.39 -32.20
N ALA A 180 -43.38 12.04 -32.99
CA ALA A 180 -44.60 11.48 -32.43
C ALA A 180 -44.36 10.06 -31.94
N THR A 181 -43.49 9.35 -32.63
CA THR A 181 -43.15 7.99 -32.26
C THR A 181 -42.24 8.00 -31.02
N GLN A 182 -41.39 9.01 -30.94
CA GLN A 182 -40.53 9.20 -29.79
C GLN A 182 -41.39 9.38 -28.55
N ALA A 183 -42.41 10.23 -28.67
CA ALA A 183 -43.32 10.48 -27.55
C ALA A 183 -44.11 9.23 -27.16
N ALA A 184 -44.53 8.46 -28.14
CA ALA A 184 -45.32 7.27 -27.88
C ALA A 184 -44.49 6.24 -27.17
N ASN A 185 -43.24 6.08 -27.63
CA ASN A 185 -42.34 5.11 -27.02
C ASN A 185 -41.86 5.54 -25.63
N THR A 186 -41.77 6.85 -25.39
CA THR A 186 -41.42 7.37 -24.08
C THR A 186 -42.50 7.01 -23.07
N LYS A 187 -43.75 7.08 -23.49
CA LYS A 187 -44.88 6.74 -22.62
C LYS A 187 -44.84 5.27 -22.25
N ILE A 188 -44.50 4.44 -23.23
CA ILE A 188 -44.35 3.02 -23.00
C ILE A 188 -43.20 2.73 -22.04
N MSE A 189 -42.05 3.39 -22.26
CA MSE A 189 -40.88 3.19 -21.39
C MSE A 189 -41.21 3.58 -19.95
O MSE A 189 -40.88 2.81 -19.03
CB MSE A 189 -39.69 4.01 -21.88
CG MSE A 189 -38.70 4.38 -20.78
SE MSE A 189 -37.05 5.12 -21.49
CE MSE A 189 -36.56 3.47 -22.22
N LEU A 190 -41.86 4.71 -19.76
CA LEU A 190 -42.07 5.21 -18.41
C LEU A 190 -43.08 4.34 -17.66
N ALA A 191 -43.98 3.69 -18.39
CA ALA A 191 -44.91 2.76 -17.75
C ALA A 191 -44.15 1.58 -17.18
N LYS A 192 -43.19 1.06 -17.94
CA LYS A 192 -42.35 -0.03 -17.46
C LYS A 192 -41.41 0.44 -16.32
N TRP A 193 -40.96 1.70 -16.38
CA TRP A 193 -40.11 2.23 -15.31
C TRP A 193 -40.89 2.33 -14.00
N ASN A 194 -42.17 2.70 -14.09
CA ASN A 194 -43.03 2.79 -12.92
C ASN A 194 -43.17 1.46 -12.25
N ALA A 195 -43.25 0.40 -13.04
CA ALA A 195 -43.40 -0.94 -12.46
C ALA A 195 -42.13 -1.38 -11.72
N ALA A 196 -40.99 -1.03 -12.30
CA ALA A 196 -39.71 -1.32 -11.68
C ALA A 196 -39.56 -0.59 -10.36
N LEU A 197 -39.95 0.68 -10.33
CA LEU A 197 -39.90 1.47 -9.11
C LEU A 197 -40.73 0.84 -8.00
N ALA A 198 -41.95 0.43 -8.34
CA ALA A 198 -42.85 -0.21 -7.39
C ALA A 198 -42.24 -1.49 -6.83
N ALA A 199 -41.58 -2.27 -7.68
CA ALA A 199 -40.90 -3.46 -7.20
C ALA A 199 -39.65 -3.14 -6.36
N LEU A 200 -38.96 -2.03 -6.66
CA LEU A 200 -37.69 -1.75 -5.97
C LEU A 200 -37.85 -0.95 -4.67
N ALA A 201 -38.85 -0.07 -4.62
CA ALA A 201 -39.04 0.80 -3.46
C ALA A 201 -39.01 0.07 -2.11
N PRO A 202 -39.69 -1.08 -1.98
CA PRO A 202 -39.62 -1.73 -0.66
C PRO A 202 -38.27 -2.36 -0.32
N GLU A 203 -37.38 -2.46 -1.29
CA GLU A 203 -36.10 -3.11 -1.00
C GLU A 203 -34.99 -2.10 -0.78
N VAL A 204 -35.25 -0.82 -1.05
CA VAL A 204 -34.30 0.24 -0.75
C VAL A 204 -34.56 0.71 0.68
N LYS A 205 -34.00 -0.04 1.63
CA LYS A 205 -34.29 0.16 3.03
C LYS A 205 -33.51 1.34 3.62
N HIS A 206 -32.44 1.77 2.96
CA HIS A 206 -31.62 2.89 3.46
C HIS A 206 -31.46 4.00 2.43
N PRO A 207 -32.55 4.70 2.12
CA PRO A 207 -32.45 5.79 1.16
C PRO A 207 -31.68 6.97 1.76
N ASP A 208 -31.13 7.85 0.93
CA ASP A 208 -30.53 9.08 1.42
C ASP A 208 -31.58 10.02 1.95
N VAL A 209 -32.71 10.09 1.25
CA VAL A 209 -33.84 10.95 1.63
C VAL A 209 -35.12 10.13 1.56
N PRO A 210 -35.76 9.88 2.72
CA PRO A 210 -37.02 9.11 2.79
C PRO A 210 -38.06 9.76 1.89
N THR A 211 -38.63 8.95 1.02
CA THR A 211 -39.41 9.43 -0.09
C THR A 211 -40.61 8.55 -0.31
N THR A 212 -41.76 9.16 -0.56
CA THR A 212 -42.92 8.43 -1.02
C THR A 212 -42.94 8.43 -2.56
N LEU A 213 -43.20 7.26 -3.12
CA LEU A 213 -43.09 7.02 -4.56
C LEU A 213 -44.08 7.81 -5.38
N VAL A 214 -43.54 8.64 -6.27
CA VAL A 214 -44.32 9.42 -7.22
C VAL A 214 -44.04 8.96 -8.64
N PRO A 215 -45.01 8.29 -9.27
CA PRO A 215 -44.86 7.67 -10.58
C PRO A 215 -44.56 8.64 -11.70
N TYR A 216 -43.91 8.16 -12.76
CA TYR A 216 -43.76 8.97 -13.97
C TYR A 216 -45.13 9.17 -14.62
N GLY A 217 -45.31 10.30 -15.30
CA GLY A 217 -46.43 10.49 -16.19
C GLY A 217 -46.09 9.91 -17.55
N ASP A 218 -46.59 10.52 -18.62
CA ASP A 218 -46.37 10.03 -19.98
C ASP A 218 -45.12 10.62 -20.62
N ALA A 219 -44.75 11.82 -20.19
CA ALA A 219 -43.51 12.43 -20.62
C ALA A 219 -42.64 12.75 -19.42
N PHE A 220 -41.33 12.90 -19.64
CA PHE A 220 -40.43 13.36 -18.59
C PHE A 220 -40.77 14.78 -18.16
N LYS A 221 -40.91 15.01 -16.85
CA LYS A 221 -41.00 16.37 -16.36
C LYS A 221 -39.57 16.89 -16.06
N PRO A 222 -39.37 18.22 -16.08
CA PRO A 222 -38.03 18.74 -15.83
C PRO A 222 -37.46 18.32 -14.48
N SER A 223 -38.31 18.15 -13.48
CA SER A 223 -37.84 17.76 -12.16
C SER A 223 -37.35 16.32 -12.10
N GLU A 224 -37.69 15.52 -13.12
CA GLU A 224 -37.31 14.12 -13.14
C GLU A 224 -36.01 13.90 -13.92
N LEU A 225 -35.48 14.97 -14.49
CA LEU A 225 -34.17 14.97 -15.12
C LEU A 225 -33.22 15.69 -14.15
N VAL A 226 -32.37 14.91 -13.48
CA VAL A 226 -31.59 15.41 -12.36
C VAL A 226 -30.11 15.53 -12.72
N ASP A 227 -29.55 16.70 -12.51
CA ASP A 227 -28.13 16.92 -12.78
C ASP A 227 -27.25 15.99 -11.97
N ILE A 228 -26.19 15.52 -12.60
CA ILE A 228 -25.18 14.71 -11.93
C ILE A 228 -24.54 15.57 -10.83
N ILE A 229 -24.32 15.01 -9.64
CA ILE A 229 -23.82 15.79 -8.52
C ILE A 229 -22.28 15.97 -8.58
N ALA A 230 -21.79 17.06 -7.99
CA ALA A 230 -20.38 17.41 -8.01
C ALA A 230 -19.51 16.30 -7.46
N LYS A 231 -20.04 15.61 -6.46
CA LYS A 231 -19.32 14.54 -5.79
C LYS A 231 -18.90 13.41 -6.74
N ASP A 232 -19.58 13.29 -7.88
CA ASP A 232 -19.28 12.25 -8.87
C ASP A 232 -18.15 12.63 -9.85
N LEU A 233 -17.78 13.91 -9.91
CA LEU A 233 -16.81 14.36 -10.92
C LEU A 233 -15.42 14.59 -10.31
N PRO A 234 -14.35 14.28 -11.06
CA PRO A 234 -12.97 14.57 -10.65
C PRO A 234 -12.79 16.03 -10.21
N ALA A 235 -11.80 16.29 -9.35
CA ALA A 235 -11.58 17.62 -8.78
C ALA A 235 -11.41 18.71 -9.84
N GLY A 236 -12.15 19.80 -9.69
CA GLY A 236 -11.96 20.93 -10.56
C GLY A 236 -12.86 21.03 -11.79
N LEU A 237 -13.57 19.96 -12.13
CA LEU A 237 -14.46 20.03 -13.29
C LEU A 237 -15.53 21.10 -13.10
N PRO A 238 -15.73 21.95 -14.11
CA PRO A 238 -16.68 23.06 -14.00
C PRO A 238 -18.14 22.60 -13.91
N ALA A 239 -18.97 23.39 -13.26
CA ALA A 239 -20.35 22.98 -12.99
C ALA A 239 -21.21 22.71 -14.24
N TRP A 240 -20.91 23.36 -15.36
CA TRP A 240 -21.72 23.12 -16.56
C TRP A 240 -21.48 21.74 -17.17
N MSE A 241 -20.39 21.09 -16.82
CA MSE A 241 -20.15 19.74 -17.32
C MSE A 241 -21.14 18.75 -16.70
O MSE A 241 -21.34 17.66 -17.23
CB MSE A 241 -18.72 19.28 -17.05
CG MSE A 241 -17.73 19.89 -18.05
SE MSE A 241 -16.01 19.02 -17.97
CE MSE A 241 -15.06 20.07 -19.33
N ARG A 242 -21.74 19.15 -15.60
CA ARG A 242 -22.73 18.33 -14.91
C ARG A 242 -24.04 19.14 -14.86
N GLY A 243 -24.31 19.87 -15.94
CA GLY A 243 -25.52 20.66 -16.07
C GLY A 243 -26.54 20.00 -16.97
N ASP A 244 -27.49 20.77 -17.50
CA ASP A 244 -28.58 20.18 -18.27
C ASP A 244 -28.48 20.36 -19.78
N THR A 245 -27.43 21.04 -20.24
CA THR A 245 -27.24 21.35 -21.65
C THR A 245 -26.09 20.54 -22.27
N PRO A 246 -26.36 19.86 -23.40
CA PRO A 246 -25.35 19.14 -24.19
C PRO A 246 -24.11 20.03 -24.47
N TRP A 247 -22.91 19.47 -24.41
CA TRP A 247 -21.72 20.28 -24.62
C TRP A 247 -20.60 19.56 -25.35
N ALA A 248 -20.81 18.31 -25.75
CA ALA A 248 -19.80 17.64 -26.56
C ALA A 248 -20.43 16.85 -27.68
N VAL A 249 -19.79 16.85 -28.85
CA VAL A 249 -20.24 16.05 -29.99
C VAL A 249 -19.06 15.52 -30.77
N ARG A 250 -19.24 14.37 -31.41
CA ARG A 250 -18.27 13.92 -32.39
C ARG A 250 -18.47 14.73 -33.66
N GLN A 251 -17.37 15.04 -34.34
CA GLN A 251 -17.41 15.95 -35.49
C GLN A 251 -16.41 15.49 -36.56
N GLY A 252 -16.86 15.39 -37.80
CA GLY A 252 -15.96 15.08 -38.90
C GLY A 252 -16.73 15.08 -40.21
N VAL A 253 -16.02 15.28 -41.32
CA VAL A 253 -16.66 15.34 -42.63
C VAL A 253 -17.07 13.94 -43.14
N ASP A 254 -16.39 12.90 -42.69
CA ASP A 254 -16.77 11.53 -43.06
C ASP A 254 -16.54 10.62 -41.85
N ALA A 255 -16.80 9.33 -42.01
CA ALA A 255 -16.77 8.42 -40.87
C ALA A 255 -15.41 8.40 -40.16
N ALA A 256 -14.32 8.32 -40.93
CA ALA A 256 -13.00 8.22 -40.34
C ALA A 256 -12.58 9.49 -39.56
N ALA A 257 -12.90 10.66 -40.10
CA ALA A 257 -12.59 11.92 -39.42
C ALA A 257 -13.42 12.05 -38.14
N LYS A 258 -14.69 11.66 -38.24
CA LYS A 258 -15.62 11.78 -37.14
C LYS A 258 -15.23 10.86 -36.00
N ARG A 259 -14.58 9.75 -36.31
CA ARG A 259 -14.16 8.82 -35.30
C ARG A 259 -13.00 9.42 -34.46
N ARG A 260 -12.27 10.37 -35.03
CA ARG A 260 -11.07 10.93 -34.42
C ARG A 260 -11.28 12.20 -33.59
N THR A 261 -12.48 12.78 -33.62
CA THR A 261 -12.67 14.11 -33.08
C THR A 261 -13.85 14.29 -32.11
N ILE A 262 -13.62 14.99 -31.01
CA ILE A 262 -14.72 15.46 -30.16
C ILE A 262 -14.60 16.97 -30.07
N MSE A 263 -15.73 17.65 -30.21
CA MSE A 263 -15.79 19.07 -30.05
C MSE A 263 -16.50 19.37 -28.75
O MSE A 263 -17.55 18.81 -28.48
CB MSE A 263 -16.50 19.72 -31.22
CG MSE A 263 -16.56 21.23 -31.14
SE MSE A 263 -17.50 21.97 -32.69
CE MSE A 263 -19.31 21.54 -32.18
N ILE A 264 -15.95 20.26 -27.94
CA ILE A 264 -16.55 20.65 -26.67
C ILE A 264 -16.98 22.11 -26.78
N THR A 265 -18.22 22.42 -26.45
CA THR A 265 -18.69 23.81 -26.48
C THR A 265 -19.34 24.19 -25.15
N ILE A 266 -18.79 25.20 -24.47
CA ILE A 266 -19.39 25.68 -23.24
C ILE A 266 -20.76 26.28 -23.54
N PRO A 267 -21.79 25.90 -22.76
CA PRO A 267 -23.14 26.44 -22.94
C PRO A 267 -23.16 27.94 -22.77
N ASP A 268 -24.09 28.60 -23.44
CA ASP A 268 -24.20 30.06 -23.42
C ASP A 268 -24.58 30.55 -22.02
N GLY A 269 -24.01 31.68 -21.60
CA GLY A 269 -24.31 32.23 -20.30
C GLY A 269 -23.28 31.97 -19.19
N VAL A 270 -22.40 31.00 -19.40
CA VAL A 270 -21.37 30.71 -18.40
C VAL A 270 -20.30 31.79 -18.43
N ILE A 271 -19.86 32.15 -19.63
CA ILE A 271 -18.90 33.22 -19.81
C ILE A 271 -19.64 34.55 -19.83
N PRO A 272 -19.18 35.52 -19.02
CA PRO A 272 -19.80 36.85 -18.87
C PRO A 272 -19.85 37.62 -20.18
N MSE B 1 2.19 -5.79 -18.28
CA MSE B 1 1.64 -4.65 -19.00
C MSE B 1 0.87 -3.72 -18.06
O MSE B 1 -0.15 -3.13 -18.43
CB MSE B 1 0.71 -5.13 -20.11
CG MSE B 1 1.42 -5.91 -21.20
SE MSE B 1 2.78 -4.93 -22.13
CE MSE B 1 1.63 -3.63 -23.00
N LEU B 2 1.37 -3.52 -16.86
CA LEU B 2 0.76 -2.62 -15.93
C LEU B 2 0.96 -1.19 -16.38
N THR B 3 -0.09 -0.39 -16.44
CA THR B 3 0.06 1.03 -16.72
C THR B 3 -0.24 1.88 -15.50
N GLU B 4 0.71 2.67 -15.08
CA GLU B 4 0.52 3.52 -13.90
C GLU B 4 -0.36 4.75 -14.13
N PHE B 5 -0.81 5.36 -13.04
CA PHE B 5 -1.68 6.52 -13.14
C PHE B 5 -1.61 7.38 -11.88
N ASP B 6 -2.06 8.61 -11.99
CA ASP B 6 -2.14 9.49 -10.83
C ASP B 6 -3.47 9.35 -10.14
N ALA B 7 -3.46 8.81 -8.92
CA ALA B 7 -4.73 8.62 -8.21
C ALA B 7 -5.32 9.98 -7.84
N GLY B 8 -4.47 10.99 -7.70
CA GLY B 8 -5.00 12.33 -7.54
C GLY B 8 -5.00 12.88 -6.12
N TYR B 9 -6.17 13.33 -5.68
CA TYR B 9 -6.24 14.23 -4.53
C TYR B 9 -6.98 13.72 -3.31
N GLY B 10 -6.94 12.41 -3.08
CA GLY B 10 -7.67 11.80 -1.98
C GLY B 10 -7.10 12.05 -0.58
N GLU B 11 -5.80 12.29 -0.50
CA GLU B 11 -5.13 12.51 0.81
C GLU B 11 -5.14 13.98 1.23
N GLN B 12 -5.22 14.21 2.53
CA GLN B 12 -5.02 15.54 3.08
C GLN B 12 -3.55 15.90 2.97
N PRO B 13 -3.21 17.21 2.86
CA PRO B 13 -4.07 18.40 2.82
C PRO B 13 -4.70 18.71 1.46
N PHE B 14 -4.36 17.91 0.46
CA PHE B 14 -4.80 18.19 -0.90
C PHE B 14 -6.31 18.05 -1.11
N ARG B 15 -6.92 17.11 -0.38
CA ARG B 15 -8.37 16.90 -0.48
C ARG B 15 -9.14 18.17 -0.13
N ASP B 16 -8.74 18.84 0.94
CA ASP B 16 -9.44 20.07 1.35
C ASP B 16 -9.06 21.25 0.45
N LEU B 17 -7.84 21.24 -0.08
CA LEU B 17 -7.46 22.29 -1.02
C LEU B 17 -8.33 22.21 -2.26
N CYS B 18 -8.53 21.00 -2.78
CA CYS B 18 -9.28 20.85 -4.03
C CYS B 18 -10.78 21.00 -3.84
N ALA B 19 -11.24 20.90 -2.61
CA ALA B 19 -12.66 21.02 -2.32
C ALA B 19 -13.02 22.47 -2.01
N ASN B 20 -12.01 23.32 -1.83
CA ASN B 20 -12.23 24.71 -1.44
C ASN B 20 -11.33 25.64 -2.26
N TYR B 21 -11.56 25.72 -3.56
CA TYR B 21 -10.68 26.47 -4.44
C TYR B 21 -11.32 27.84 -4.81
N PRO B 22 -10.49 28.83 -5.17
CA PRO B 22 -11.04 30.15 -5.53
C PRO B 22 -11.70 30.22 -6.91
N GLY B 23 -12.77 31.00 -7.00
CA GLY B 23 -13.47 31.23 -8.25
C GLY B 23 -13.43 32.69 -8.67
N ALA B 24 -14.57 33.20 -9.11
CA ALA B 24 -14.66 34.55 -9.66
C ALA B 24 -14.35 35.65 -8.65
N GLU B 25 -14.50 35.35 -7.36
CA GLU B 25 -14.21 36.34 -6.32
C GLU B 25 -12.72 36.67 -6.24
N ALA B 26 -11.88 35.78 -6.76
CA ALA B 26 -10.44 35.99 -6.75
C ALA B 26 -9.86 36.15 -8.15
N TYR B 27 -10.38 35.37 -9.10
CA TYR B 27 -9.93 35.41 -10.49
C TYR B 27 -11.00 36.08 -11.32
N ASP B 28 -10.69 37.25 -11.83
CA ASP B 28 -11.65 37.98 -12.63
C ASP B 28 -12.16 37.16 -13.82
N PRO B 29 -13.48 37.05 -13.96
CA PRO B 29 -14.09 36.21 -14.99
C PRO B 29 -13.81 36.68 -16.42
N HIS B 30 -13.43 37.93 -16.63
CA HIS B 30 -13.07 38.30 -17.98
C HIS B 30 -11.60 38.01 -18.25
N ASP B 31 -10.74 38.29 -17.27
CA ASP B 31 -9.30 38.18 -17.48
C ASP B 31 -8.73 36.78 -17.28
N PHE B 32 -9.56 35.86 -16.79
CA PHE B 32 -9.13 34.48 -16.57
C PHE B 32 -10.16 33.51 -17.15
N ARG B 33 -9.70 32.44 -17.79
CA ARG B 33 -10.66 31.47 -18.32
C ARG B 33 -11.17 30.56 -17.20
N ILE B 34 -11.88 31.13 -16.22
CA ILE B 34 -12.36 30.35 -15.09
C ILE B 34 -13.45 29.37 -15.49
N GLU B 35 -13.98 29.56 -16.68
CA GLU B 35 -15.08 28.74 -17.18
C GLU B 35 -14.67 27.29 -17.39
N TRP B 36 -13.36 27.02 -17.45
CA TRP B 36 -12.89 25.67 -17.65
C TRP B 36 -12.61 24.91 -16.36
N GLY B 37 -12.72 25.58 -15.21
CA GLY B 37 -12.37 24.98 -13.93
C GLY B 37 -10.86 25.00 -13.65
N PRO B 38 -10.49 24.89 -12.38
CA PRO B 38 -9.07 24.97 -12.01
C PRO B 38 -8.29 23.70 -12.37
N ILE B 39 -7.02 23.86 -12.74
CA ILE B 39 -6.13 22.71 -12.88
C ILE B 39 -5.03 22.91 -11.85
N PHE B 40 -4.83 21.91 -10.99
CA PHE B 40 -4.10 22.11 -9.73
C PHE B 40 -2.60 21.83 -9.79
N HIS B 41 -2.21 20.75 -10.45
CA HIS B 41 -0.82 20.31 -10.36
C HIS B 41 -0.45 19.31 -11.43
N ARG B 42 0.81 18.87 -11.40
CA ARG B 42 1.23 17.63 -12.04
C ARG B 42 2.40 17.03 -11.27
N GLY B 43 2.43 15.70 -11.14
CA GLY B 43 3.53 15.02 -10.46
C GLY B 43 3.18 14.49 -9.08
N ARG B 44 4.21 14.32 -8.25
CA ARG B 44 4.11 13.60 -6.97
C ARG B 44 3.48 14.42 -5.85
N LEU B 45 2.52 13.87 -5.15
CA LEU B 45 1.97 14.55 -3.98
C LEU B 45 2.18 13.69 -2.74
N ASP B 46 2.88 12.57 -2.91
CA ASP B 46 3.14 11.62 -1.82
C ASP B 46 4.42 11.96 -1.00
N GLY B 47 5.11 13.05 -1.34
CA GLY B 47 6.28 13.45 -0.57
C GLY B 47 7.60 13.05 -1.22
N SER B 48 7.53 12.34 -2.33
CA SER B 48 8.73 11.86 -2.97
C SER B 48 9.31 12.84 -4.00
N ALA B 49 8.64 13.97 -4.22
CA ALA B 49 9.16 14.97 -5.15
C ALA B 49 10.47 15.58 -4.61
N ARG B 50 11.44 15.72 -5.50
CA ARG B 50 12.72 16.34 -5.17
C ARG B 50 12.89 17.75 -5.78
N VAL B 51 12.19 18.01 -6.88
CA VAL B 51 12.22 19.31 -7.55
C VAL B 51 10.82 19.90 -7.67
N LEU B 52 10.67 21.16 -7.31
CA LEU B 52 9.41 21.86 -7.52
C LEU B 52 9.52 22.73 -8.78
N ILE B 53 8.59 22.57 -9.71
CA ILE B 53 8.49 23.43 -10.87
C ILE B 53 7.36 24.42 -10.65
N VAL B 54 7.61 25.71 -10.82
CA VAL B 54 6.53 26.68 -10.76
C VAL B 54 6.28 27.19 -12.18
N GLY B 55 5.11 26.87 -12.75
CA GLY B 55 4.79 27.32 -14.08
C GLY B 55 3.95 28.57 -14.05
N GLN B 56 3.43 28.96 -15.21
CA GLN B 56 2.62 30.16 -15.23
C GLN B 56 1.11 29.88 -15.20
N ASP B 57 0.57 29.36 -16.29
CA ASP B 57 -0.87 29.15 -16.43
C ASP B 57 -1.18 28.09 -17.46
N PRO B 58 -2.32 27.38 -17.30
CA PRO B 58 -2.65 26.25 -18.16
C PRO B 58 -3.24 26.66 -19.52
N ALA B 59 -3.20 25.74 -20.48
CA ALA B 59 -3.83 25.99 -21.79
C ALA B 59 -4.77 24.85 -22.15
N GLN B 60 -5.00 24.63 -23.44
CA GLN B 60 -6.13 23.78 -23.81
C GLN B 60 -5.87 22.28 -23.61
N HIS B 61 -4.64 21.82 -23.75
CA HIS B 61 -4.32 20.42 -23.48
C HIS B 61 -4.49 20.11 -21.99
N GLU B 62 -4.04 21.03 -21.15
CA GLU B 62 -4.18 20.90 -19.71
C GLU B 62 -5.65 20.85 -19.31
N THR B 63 -6.45 21.61 -20.05
CA THR B 63 -7.88 21.71 -19.80
C THR B 63 -8.59 20.37 -20.02
N ILE B 64 -8.05 19.56 -20.93
CA ILE B 64 -8.61 18.24 -21.15
C ILE B 64 -8.01 17.19 -20.22
N VAL B 65 -6.69 17.18 -20.06
CA VAL B 65 -6.05 16.15 -19.24
C VAL B 65 -6.31 16.35 -17.74
N ARG B 66 -6.45 17.62 -17.32
CA ARG B 66 -6.66 18.02 -15.92
C ARG B 66 -5.37 17.91 -15.10
N ARG B 67 -4.23 18.01 -15.77
CA ARG B 67 -2.93 18.16 -15.12
C ARG B 67 -2.17 19.26 -15.84
N ILE B 68 -1.26 19.91 -15.14
CA ILE B 68 -0.48 21.00 -15.71
C ILE B 68 0.70 20.47 -16.52
N LEU B 69 1.33 21.37 -17.30
CA LEU B 69 2.46 21.00 -18.13
C LEU B 69 2.19 19.69 -18.88
N VAL B 70 1.38 19.77 -19.91
CA VAL B 70 1.03 18.59 -20.69
C VAL B 70 1.29 18.79 -22.18
N GLY B 71 1.45 20.05 -22.59
CA GLY B 71 1.71 20.37 -23.99
C GLY B 71 3.20 20.46 -24.30
N THR B 72 3.53 21.33 -25.26
CA THR B 72 4.88 21.54 -25.73
C THR B 72 5.78 22.08 -24.62
N ALA B 73 5.28 23.03 -23.85
CA ALA B 73 6.03 23.55 -22.72
C ALA B 73 6.36 22.42 -21.74
N GLY B 74 5.42 21.50 -21.58
CA GLY B 74 5.61 20.40 -20.65
C GLY B 74 6.67 19.42 -21.10
N ARG B 75 6.71 19.13 -22.39
CA ARG B 75 7.65 18.15 -22.90
C ARG B 75 9.06 18.70 -22.90
N ARG B 76 9.19 20.03 -23.04
CA ARG B 76 10.48 20.69 -22.92
C ARG B 76 10.93 20.70 -21.46
N THR B 77 10.00 20.96 -20.57
CA THR B 77 10.29 20.91 -19.16
C THR B 77 10.68 19.50 -18.71
N GLN B 78 9.98 18.46 -19.21
CA GLN B 78 10.31 17.07 -18.91
C GLN B 78 11.75 16.74 -19.29
N GLY B 79 12.15 17.24 -20.45
CA GLY B 79 13.51 17.02 -20.93
C GLY B 79 14.57 17.74 -20.11
N PHE B 80 14.21 18.93 -19.61
CA PHE B 80 15.06 19.69 -18.70
C PHE B 80 15.31 18.88 -17.42
N LEU B 81 14.23 18.36 -16.84
CA LEU B 81 14.33 17.54 -15.63
C LEU B 81 15.11 16.27 -15.90
N ALA B 82 14.91 15.68 -17.08
CA ALA B 82 15.64 14.47 -17.42
C ALA B 82 17.16 14.67 -17.39
N LYS B 83 17.64 15.87 -17.72
CA LYS B 83 19.08 16.12 -17.77
C LYS B 83 19.73 16.16 -16.38
N LEU B 84 18.90 16.47 -15.37
CA LEU B 84 19.29 16.42 -13.96
C LEU B 84 19.02 15.04 -13.34
N GLY B 85 18.68 14.07 -14.17
CA GLY B 85 18.37 12.72 -13.71
C GLY B 85 17.01 12.54 -13.02
N ILE B 86 16.12 13.53 -13.19
CA ILE B 86 14.81 13.45 -12.57
C ILE B 86 13.79 12.95 -13.60
N VAL B 87 13.28 11.74 -13.37
CA VAL B 87 12.40 11.09 -14.32
C VAL B 87 10.96 11.08 -13.78
N GLN B 88 10.80 10.95 -12.47
CA GLN B 88 9.45 10.97 -11.92
C GLN B 88 9.32 11.77 -10.62
N SER B 89 10.44 12.11 -9.98
CA SER B 89 10.41 12.77 -8.66
C SER B 89 10.36 14.31 -8.70
N TYR B 90 9.25 14.86 -9.19
CA TYR B 90 9.03 16.29 -9.29
C TYR B 90 7.59 16.57 -8.89
N VAL B 91 7.27 17.84 -8.69
CA VAL B 91 5.90 18.24 -8.52
C VAL B 91 5.82 19.62 -9.20
N MSE B 92 4.71 19.90 -9.87
CA MSE B 92 4.61 21.15 -10.59
C MSE B 92 3.32 21.84 -10.19
O MSE B 92 2.27 21.20 -10.09
CB MSE B 92 4.66 20.89 -12.08
CG MSE B 92 5.64 19.81 -12.48
SE MSE B 92 5.71 19.68 -14.40
CE MSE B 92 7.24 18.51 -14.65
N VAL B 93 3.40 23.14 -9.96
CA VAL B 93 2.25 23.95 -9.57
C VAL B 93 2.28 25.20 -10.44
N ASN B 94 1.13 25.80 -10.71
CA ASN B 94 1.10 27.01 -11.54
C ASN B 94 0.97 28.29 -10.74
N THR B 95 1.46 29.38 -11.31
CA THR B 95 1.20 30.71 -10.79
C THR B 95 -0.31 30.97 -10.68
N PHE B 96 -1.04 30.62 -11.74
CA PHE B 96 -2.49 30.80 -11.76
C PHE B 96 -3.25 29.47 -11.95
N LEU B 97 -4.38 29.31 -11.27
CA LEU B 97 -5.17 28.08 -11.40
C LEU B 97 -5.85 27.98 -12.76
N TYR B 98 -6.02 29.13 -13.39
CA TYR B 98 -6.78 29.26 -14.63
C TYR B 98 -5.95 29.93 -15.71
N SER B 99 -6.28 29.64 -16.95
CA SER B 99 -5.63 30.29 -18.08
C SER B 99 -5.87 31.81 -18.08
N VAL B 100 -4.81 32.55 -18.42
CA VAL B 100 -4.92 34.00 -18.60
C VAL B 100 -5.70 34.29 -19.88
N TYR B 101 -6.70 35.13 -19.81
CA TYR B 101 -7.38 35.54 -20.99
C TYR B 101 -6.94 36.91 -21.47
N GLY B 102 -6.27 36.92 -22.59
CA GLY B 102 -5.79 38.15 -23.15
C GLY B 102 -4.30 38.27 -23.07
N GLN B 103 -3.68 38.50 -24.23
CA GLN B 103 -2.24 38.65 -24.30
C GLN B 103 -1.75 39.80 -23.43
N SER B 104 -2.68 40.65 -23.03
CA SER B 104 -2.34 41.81 -22.19
C SER B 104 -1.45 41.40 -21.02
N GLY B 105 -1.61 40.16 -20.57
CA GLY B 105 -0.82 39.65 -19.46
C GLY B 105 -1.56 39.73 -18.13
N GLY B 106 -1.65 38.60 -17.45
CA GLY B 106 -2.32 38.53 -16.18
C GLY B 106 -1.44 39.12 -15.11
N SER B 107 -0.55 40.00 -15.50
CA SER B 107 0.25 40.70 -14.53
C SER B 107 -0.59 41.70 -13.80
N LYS B 108 -1.77 41.96 -14.31
CA LYS B 108 -2.68 42.91 -13.73
C LYS B 108 -3.25 42.43 -12.43
N HIS B 109 -3.39 41.12 -12.28
CA HIS B 109 -3.97 40.58 -11.07
C HIS B 109 -2.97 39.79 -10.22
N LYS B 110 -1.69 39.91 -10.54
CA LYS B 110 -0.67 39.08 -9.89
C LYS B 110 -0.56 39.25 -8.37
N ASN B 111 -1.09 40.34 -7.82
CA ASN B 111 -0.98 40.57 -6.38
C ASN B 111 -2.29 40.43 -5.65
N GLU B 112 -3.33 40.01 -6.37
CA GLU B 112 -4.64 39.83 -5.77
C GLU B 112 -4.54 38.80 -4.66
N PRO B 113 -4.97 39.16 -3.45
CA PRO B 113 -4.79 38.30 -2.28
C PRO B 113 -5.46 36.93 -2.41
N GLY B 114 -6.68 36.88 -2.95
CA GLY B 114 -7.39 35.62 -3.15
C GLY B 114 -6.58 34.60 -3.94
N ILE B 115 -5.86 35.09 -4.96
CA ILE B 115 -5.00 34.26 -5.79
C ILE B 115 -3.73 33.82 -5.06
N VAL B 116 -2.99 34.80 -4.53
CA VAL B 116 -1.72 34.55 -3.89
C VAL B 116 -1.88 33.66 -2.65
N ASP B 117 -2.90 33.92 -1.86
CA ASP B 117 -3.10 33.18 -0.62
C ASP B 117 -3.33 31.70 -0.88
N TYR B 118 -4.17 31.39 -1.85
CA TYR B 118 -4.47 30.00 -2.14
C TYR B 118 -3.26 29.29 -2.70
N ARG B 119 -2.54 29.94 -3.59
CA ARG B 119 -1.33 29.36 -4.16
C ARG B 119 -0.29 29.08 -3.06
N ASN B 120 -0.18 29.98 -2.10
CA ASN B 120 0.76 29.75 -1.01
C ASN B 120 0.40 28.50 -0.21
N LYS B 121 -0.90 28.20 -0.08
CA LYS B 121 -1.32 26.96 0.59
C LYS B 121 -0.79 25.74 -0.14
N TRP B 122 -0.78 25.80 -1.45
CA TRP B 122 -0.21 24.72 -2.26
C TRP B 122 1.32 24.66 -2.09
N PHE B 123 1.99 25.81 -2.08
CA PHE B 123 3.43 25.81 -1.80
C PHE B 123 3.72 25.15 -0.44
N LYS B 124 3.00 25.59 0.58
CA LYS B 124 3.19 25.06 1.93
C LYS B 124 3.02 23.54 1.99
N ALA B 125 1.98 23.02 1.33
CA ALA B 125 1.68 21.59 1.32
C ALA B 125 2.75 20.77 0.60
N VAL B 126 3.22 21.25 -0.54
CA VAL B 126 4.22 20.49 -1.28
C VAL B 126 5.61 20.61 -0.65
N LEU B 127 5.91 21.74 -0.01
CA LEU B 127 7.24 21.92 0.61
C LEU B 127 7.30 21.31 2.00
N GLY B 128 6.13 21.13 2.60
CA GLY B 128 6.02 20.59 3.95
C GLY B 128 6.92 19.43 4.32
N PRO B 129 6.85 18.32 3.56
CA PRO B 129 7.66 17.14 3.90
C PRO B 129 9.16 17.40 3.95
N GLY B 130 9.65 18.46 3.31
CA GLY B 130 11.03 18.83 3.42
C GLY B 130 11.95 18.03 2.50
N ASN B 131 11.39 17.46 1.45
CA ASN B 131 12.20 16.66 0.54
C ASN B 131 12.55 17.38 -0.76
N ILE B 132 11.99 18.57 -0.97
CA ILE B 132 12.26 19.35 -2.18
C ILE B 132 13.64 19.96 -2.04
N GLU B 133 14.54 19.69 -2.99
CA GLU B 133 15.90 20.23 -2.91
C GLU B 133 16.21 21.34 -3.94
N ALA B 134 15.31 21.54 -4.91
CA ALA B 134 15.47 22.60 -5.90
C ALA B 134 14.15 23.07 -6.45
N VAL B 135 14.08 24.38 -6.73
CA VAL B 135 12.90 24.99 -7.26
C VAL B 135 13.24 25.68 -8.57
N VAL B 136 12.42 25.45 -9.58
CA VAL B 136 12.62 26.09 -10.88
C VAL B 136 11.36 26.83 -11.27
N SER B 137 11.47 28.11 -11.58
CA SER B 137 10.32 28.86 -12.05
C SER B 137 10.40 29.08 -13.56
N LEU B 138 9.26 28.98 -14.23
CA LEU B 138 9.18 29.11 -15.68
C LEU B 138 8.61 30.48 -16.04
N GLY B 139 9.49 31.42 -16.43
CA GLY B 139 9.04 32.74 -16.81
C GLY B 139 8.90 33.72 -15.66
N GLY B 140 8.64 34.98 -15.99
CA GLY B 140 8.60 36.06 -15.02
C GLY B 140 7.55 36.08 -13.93
N LEU B 141 6.30 35.77 -14.27
CA LEU B 141 5.22 35.76 -13.28
C LEU B 141 5.44 34.68 -12.23
N ALA B 142 6.01 33.55 -12.66
CA ALA B 142 6.31 32.43 -11.77
C ALA B 142 7.40 32.79 -10.78
N ASP B 143 8.37 33.54 -11.28
CA ASP B 143 9.49 34.00 -10.48
C ASP B 143 8.97 34.96 -9.42
N GLU B 144 8.06 35.84 -9.81
CA GLU B 144 7.45 36.74 -8.86
C GLU B 144 6.55 35.99 -7.87
N ALA B 145 5.98 34.86 -8.27
CA ALA B 145 5.16 34.08 -7.33
C ALA B 145 6.04 33.47 -6.25
N TRP B 146 7.19 32.93 -6.64
CA TRP B 146 8.09 32.34 -5.67
C TRP B 146 8.64 33.42 -4.73
N LYS B 147 8.98 34.58 -5.28
CA LYS B 147 9.48 35.68 -4.45
C LYS B 147 8.43 36.17 -3.47
N ALA B 148 7.16 36.21 -3.90
CA ALA B 148 6.08 36.56 -2.98
C ALA B 148 5.89 35.47 -1.90
N TRP B 149 6.09 34.20 -2.25
CA TRP B 149 6.05 33.13 -1.24
C TRP B 149 7.13 33.36 -0.20
N LEU B 150 8.34 33.72 -0.63
CA LEU B 150 9.45 33.89 0.31
C LEU B 150 9.25 35.05 1.28
N LYS B 151 8.43 36.03 0.90
CA LYS B 151 8.17 37.18 1.75
C LYS B 151 7.08 36.91 2.80
N SER B 152 6.35 35.82 2.65
CA SER B 152 5.33 35.46 3.63
C SER B 152 5.95 34.73 4.84
N SER B 153 5.21 34.63 5.94
CA SER B 153 5.75 34.06 7.18
C SER B 153 6.26 32.64 6.99
N ASP B 154 5.43 31.79 6.38
CA ASP B 154 5.76 30.40 6.16
C ASP B 154 6.86 30.25 5.11
N GLY B 155 6.93 31.19 4.19
CA GLY B 155 7.86 31.08 3.10
C GLY B 155 9.27 31.48 3.48
N ALA B 156 9.39 32.22 4.58
CA ALA B 156 10.70 32.70 5.04
C ALA B 156 11.70 31.56 5.17
N ALA B 157 11.22 30.38 5.55
CA ALA B 157 12.08 29.23 5.77
C ALA B 157 12.77 28.71 4.51
N TYR B 158 12.33 29.16 3.34
CA TYR B 158 12.81 28.57 2.09
C TYR B 158 13.71 29.52 1.30
N LYS B 159 14.14 30.61 1.92
CA LYS B 159 15.05 31.57 1.27
C LYS B 159 16.40 30.94 0.90
N THR B 160 16.80 29.88 1.58
CA THR B 160 18.06 29.19 1.31
C THR B 160 17.91 28.01 0.33
N LEU B 161 16.67 27.68 0.00
CA LEU B 161 16.40 26.59 -0.92
C LEU B 161 16.90 26.96 -2.32
N ALA B 162 17.73 26.08 -2.91
CA ALA B 162 18.27 26.29 -4.24
C ALA B 162 17.17 26.61 -5.24
N TYR B 163 17.36 27.71 -5.96
CA TYR B 163 16.30 28.25 -6.81
C TYR B 163 16.87 28.84 -8.11
N GLN B 164 16.22 28.54 -9.22
CA GLN B 164 16.60 29.11 -10.50
C GLN B 164 15.37 29.57 -11.27
N HIS B 165 15.43 30.80 -11.76
CA HIS B 165 14.45 31.32 -12.70
C HIS B 165 14.97 31.06 -14.10
N ILE B 166 14.19 30.37 -14.92
CA ILE B 166 14.58 30.16 -16.30
C ILE B 166 13.51 30.72 -17.24
N THR B 167 13.90 30.93 -18.49
CA THR B 167 12.98 31.48 -19.48
C THR B 167 11.88 30.49 -19.84
N HIS B 168 10.65 30.99 -19.88
CA HIS B 168 9.50 30.14 -20.21
C HIS B 168 9.80 29.27 -21.43
N PRO B 169 9.44 28.00 -21.34
CA PRO B 169 9.69 27.05 -22.43
C PRO B 169 9.18 27.45 -23.83
N THR B 170 8.06 28.15 -23.92
CA THR B 170 7.51 28.55 -25.23
C THR B 170 7.73 30.04 -25.54
N TRP B 171 8.69 30.66 -24.86
CA TRP B 171 9.02 32.03 -25.17
C TRP B 171 9.46 32.27 -26.63
N PRO B 172 10.28 31.38 -27.22
CA PRO B 172 10.68 31.62 -28.62
C PRO B 172 9.53 31.73 -29.61
N GLU B 173 8.49 30.90 -29.45
CA GLU B 173 7.39 30.90 -30.40
C GLU B 173 6.45 32.06 -30.12
N SER B 174 6.50 32.58 -28.90
CA SER B 174 5.59 33.67 -28.56
C SER B 174 6.18 35.04 -28.91
N SER B 175 7.49 35.07 -29.13
CA SER B 175 8.21 36.32 -29.38
C SER B 175 8.23 36.70 -30.85
N ALA B 176 8.04 35.72 -31.72
CA ALA B 176 8.10 35.93 -33.17
C ALA B 176 7.41 34.80 -33.93
N HIS B 177 6.95 35.09 -35.13
CA HIS B 177 6.35 34.03 -35.93
C HIS B 177 7.32 33.60 -37.02
N ASP B 178 8.27 34.48 -37.31
CA ASP B 178 9.35 34.20 -38.24
C ASP B 178 10.15 32.98 -37.77
N SER B 179 10.39 32.03 -38.67
CA SER B 179 11.14 30.84 -38.31
C SER B 179 12.59 31.13 -37.86
N ALA B 180 13.24 32.08 -38.52
CA ALA B 180 14.64 32.38 -38.24
C ALA B 180 14.82 33.09 -36.90
N THR B 181 13.85 33.92 -36.53
CA THR B 181 13.91 34.61 -35.24
C THR B 181 13.62 33.65 -34.08
N GLN B 182 12.73 32.69 -34.33
CA GLN B 182 12.43 31.66 -33.35
C GLN B 182 13.68 30.85 -33.06
N ALA B 183 14.43 30.49 -34.10
CA ALA B 183 15.65 29.70 -33.91
C ALA B 183 16.68 30.48 -33.13
N ALA B 184 16.77 31.77 -33.41
CA ALA B 184 17.73 32.63 -32.73
C ALA B 184 17.32 32.77 -31.27
N ASN B 185 16.02 32.97 -31.03
CA ASN B 185 15.57 33.11 -29.65
C ASN B 185 15.68 31.80 -28.87
N THR B 186 15.53 30.69 -29.57
CA THR B 186 15.70 29.38 -28.97
C THR B 186 17.15 29.18 -28.50
N LYS B 187 18.09 29.67 -29.31
CA LYS B 187 19.52 29.54 -28.98
C LYS B 187 19.82 30.37 -27.72
N ILE B 188 19.24 31.55 -27.63
CA ILE B 188 19.38 32.34 -26.41
C ILE B 188 18.73 31.62 -25.22
N MSE B 189 17.54 31.06 -25.41
CA MSE B 189 16.86 30.39 -24.31
C MSE B 189 17.68 29.22 -23.79
O MSE B 189 17.85 29.05 -22.59
CB MSE B 189 15.48 29.88 -24.71
CG MSE B 189 14.97 28.73 -23.82
SE MSE B 189 13.11 28.31 -24.14
CE MSE B 189 12.51 29.89 -23.43
N LEU B 190 18.22 28.43 -24.71
CA LEU B 190 18.94 27.23 -24.30
C LEU B 190 20.26 27.56 -23.63
N ALA B 191 20.87 28.70 -23.97
CA ALA B 191 22.07 29.12 -23.24
C ALA B 191 21.68 29.42 -21.79
N LYS B 192 20.56 30.10 -21.59
CA LYS B 192 20.14 30.37 -20.23
C LYS B 192 19.71 29.08 -19.47
N TRP B 193 19.09 28.14 -20.19
CA TRP B 193 18.73 26.86 -19.57
C TRP B 193 19.98 26.08 -19.17
N ASN B 194 21.01 26.15 -20.01
CA ASN B 194 22.29 25.49 -19.70
C ASN B 194 22.94 26.07 -18.45
N ALA B 195 22.76 27.35 -18.24
CA ALA B 195 23.33 28.00 -17.06
C ALA B 195 22.63 27.49 -15.81
N ALA B 196 21.31 27.37 -15.92
CA ALA B 196 20.49 26.88 -14.82
C ALA B 196 20.84 25.44 -14.47
N LEU B 197 21.01 24.60 -15.47
CA LEU B 197 21.40 23.21 -15.25
C LEU B 197 22.71 23.15 -14.48
N ALA B 198 23.70 23.95 -14.90
CA ALA B 198 25.00 23.97 -14.26
C ALA B 198 24.87 24.37 -12.79
N ALA B 199 24.01 25.35 -12.52
CA ALA B 199 23.77 25.77 -11.13
C ALA B 199 22.98 24.72 -10.32
N LEU B 200 22.09 23.96 -10.96
CA LEU B 200 21.23 23.02 -10.23
C LEU B 200 21.79 21.62 -10.09
N ALA B 201 22.59 21.18 -11.06
CA ALA B 201 23.12 19.82 -11.05
C ALA B 201 23.78 19.38 -9.71
N PRO B 202 24.64 20.23 -9.12
CA PRO B 202 25.23 19.76 -7.85
C PRO B 202 24.24 19.83 -6.72
N GLU B 203 23.09 20.43 -6.96
CA GLU B 203 22.16 20.56 -5.87
C GLU B 203 21.05 19.51 -5.91
N VAL B 204 20.94 18.77 -7.01
CA VAL B 204 20.01 17.65 -7.09
C VAL B 204 20.74 16.38 -6.70
N LYS B 205 20.81 16.15 -5.40
CA LYS B 205 21.57 15.04 -4.82
C LYS B 205 20.82 13.70 -4.89
N HIS B 206 19.52 13.74 -5.19
CA HIS B 206 18.73 12.52 -5.23
C HIS B 206 18.06 12.29 -6.58
N PRO B 207 18.84 12.13 -7.65
CA PRO B 207 18.18 11.90 -8.94
C PRO B 207 17.53 10.53 -8.98
N ASP B 208 16.53 10.33 -9.83
CA ASP B 208 15.95 9.01 -10.03
C ASP B 208 16.98 8.14 -10.73
N VAL B 209 17.71 8.76 -11.65
CA VAL B 209 18.74 8.09 -12.42
C VAL B 209 20.00 8.94 -12.43
N PRO B 210 21.09 8.47 -11.78
CA PRO B 210 22.33 9.25 -11.82
C PRO B 210 22.76 9.52 -13.26
N THR B 211 22.95 10.78 -13.62
CA THR B 211 23.09 11.16 -15.02
C THR B 211 24.20 12.19 -15.09
N THR B 212 25.10 12.03 -16.06
CA THR B 212 26.09 13.07 -16.28
C THR B 212 25.46 14.14 -17.16
N LEU B 213 25.66 15.40 -16.75
CA LEU B 213 25.05 16.55 -17.37
C LEU B 213 25.50 16.71 -18.82
N VAL B 214 24.53 16.68 -19.73
CA VAL B 214 24.76 16.90 -21.15
C VAL B 214 24.11 18.21 -21.54
N PRO B 215 24.90 19.26 -21.78
CA PRO B 215 24.29 20.55 -22.10
C PRO B 215 23.48 20.55 -23.41
N TYR B 216 22.51 21.45 -23.50
CA TYR B 216 21.80 21.71 -24.75
C TYR B 216 22.75 22.31 -25.78
N GLY B 217 22.49 22.05 -27.06
CA GLY B 217 23.12 22.77 -28.15
C GLY B 217 22.33 24.04 -28.44
N ASP B 218 22.26 24.44 -29.71
CA ASP B 218 21.55 25.68 -30.07
C ASP B 218 20.06 25.46 -30.32
N ALA B 219 19.69 24.24 -30.74
CA ALA B 219 18.28 23.86 -30.90
C ALA B 219 17.95 22.60 -30.10
N PHE B 220 16.66 22.37 -29.84
CA PHE B 220 16.24 21.11 -29.23
C PHE B 220 16.53 19.89 -30.10
N LYS B 221 17.13 18.87 -29.50
CA LYS B 221 17.25 17.57 -30.15
C LYS B 221 16.03 16.76 -29.80
N PRO B 222 15.67 15.80 -30.65
CA PRO B 222 14.46 15.02 -30.30
C PRO B 222 14.56 14.31 -28.93
N SER B 223 15.74 13.84 -28.52
CA SER B 223 15.84 13.13 -27.24
C SER B 223 15.65 14.07 -26.04
N GLU B 224 15.67 15.37 -26.29
CA GLU B 224 15.51 16.32 -25.21
C GLU B 224 14.06 16.76 -25.05
N LEU B 225 13.18 16.23 -25.91
CA LEU B 225 11.74 16.41 -25.75
C LEU B 225 11.15 15.10 -25.21
N VAL B 226 10.76 15.13 -23.95
CA VAL B 226 10.38 13.90 -23.25
C VAL B 226 8.88 13.85 -22.98
N ASP B 227 8.24 12.77 -23.41
CA ASP B 227 6.83 12.57 -23.19
C ASP B 227 6.52 12.54 -21.69
N ILE B 228 5.37 13.10 -21.34
CA ILE B 228 4.86 13.03 -19.98
C ILE B 228 4.58 11.56 -19.67
N ILE B 229 4.94 11.12 -18.47
CA ILE B 229 4.80 9.73 -18.07
C ILE B 229 3.37 9.38 -17.65
N ALA B 230 3.02 8.09 -17.79
CA ALA B 230 1.68 7.60 -17.49
C ALA B 230 1.27 7.87 -16.04
N LYS B 231 2.26 7.80 -15.14
CA LYS B 231 2.08 8.00 -13.71
C LYS B 231 1.51 9.38 -13.36
N ASP B 232 1.69 10.33 -14.27
CA ASP B 232 1.21 11.70 -14.07
C ASP B 232 -0.26 11.92 -14.46
N LEU B 233 -0.85 10.98 -15.19
CA LEU B 233 -2.21 11.15 -15.75
C LEU B 233 -3.27 10.34 -15.01
N PRO B 234 -4.50 10.89 -14.91
CA PRO B 234 -5.65 10.18 -14.34
C PRO B 234 -5.82 8.79 -14.96
N ALA B 235 -6.45 7.87 -14.22
CA ALA B 235 -6.62 6.48 -14.66
C ALA B 235 -7.37 6.38 -15.99
N GLY B 236 -6.82 5.63 -16.93
CA GLY B 236 -7.55 5.39 -18.17
C GLY B 236 -7.24 6.32 -19.34
N LEU B 237 -6.53 7.42 -19.09
CA LEU B 237 -6.20 8.34 -20.20
C LEU B 237 -5.33 7.64 -21.24
N PRO B 238 -5.70 7.75 -22.51
CA PRO B 238 -4.97 7.05 -23.58
C PRO B 238 -3.56 7.59 -23.80
N ALA B 239 -2.66 6.74 -24.29
CA ALA B 239 -1.25 7.12 -24.38
C ALA B 239 -0.96 8.31 -25.30
N TRP B 240 -1.78 8.54 -26.32
CA TRP B 240 -1.51 9.64 -27.26
C TRP B 240 -1.73 10.99 -26.62
N MSE B 241 -2.47 11.02 -25.52
CA MSE B 241 -2.64 12.25 -24.75
C MSE B 241 -1.34 12.65 -24.05
O MSE B 241 -1.20 13.75 -23.53
CB MSE B 241 -3.78 12.08 -23.74
CG MSE B 241 -5.17 12.25 -24.34
SE MSE B 241 -6.53 12.54 -23.01
CE MSE B 241 -8.10 12.48 -24.17
N ARG B 242 -0.38 11.72 -24.02
CA ARG B 242 0.92 12.01 -23.46
C ARG B 242 1.95 11.58 -24.50
N GLY B 243 1.63 11.84 -25.76
CA GLY B 243 2.54 11.58 -26.89
C GLY B 243 3.21 12.86 -27.35
N ASP B 244 3.74 12.88 -28.57
CA ASP B 244 4.52 14.03 -29.06
C ASP B 244 3.80 14.91 -30.07
N THR B 245 2.56 14.58 -30.37
CA THR B 245 1.76 15.26 -31.37
C THR B 245 0.65 16.09 -30.70
N PRO B 246 0.54 17.37 -31.07
CA PRO B 246 -0.57 18.26 -30.66
C PRO B 246 -1.93 17.64 -30.94
N TRP B 247 -2.90 17.80 -30.03
CA TRP B 247 -4.18 17.16 -30.24
C TRP B 247 -5.39 17.96 -29.77
N ALA B 248 -5.17 19.15 -29.22
CA ALA B 248 -6.31 20.00 -28.82
C ALA B 248 -6.09 21.45 -29.26
N VAL B 249 -7.16 22.11 -29.69
CA VAL B 249 -7.04 23.50 -30.10
C VAL B 249 -8.31 24.25 -29.74
N ARG B 250 -8.19 25.54 -29.44
CA ARG B 250 -9.37 26.38 -29.30
C ARG B 250 -9.85 26.73 -30.71
N GLN B 251 -11.16 26.79 -30.91
CA GLN B 251 -11.74 26.90 -32.26
C GLN B 251 -12.99 27.77 -32.24
N GLY B 252 -13.05 28.75 -33.13
CA GLY B 252 -14.26 29.55 -33.27
C GLY B 252 -14.11 30.57 -34.40
N VAL B 253 -15.24 31.05 -34.92
CA VAL B 253 -15.22 31.99 -36.03
C VAL B 253 -14.78 33.38 -35.55
N ASP B 254 -15.03 33.69 -34.28
CA ASP B 254 -14.64 34.96 -33.68
C ASP B 254 -14.20 34.77 -32.24
N ALA B 255 -13.82 35.87 -31.58
CA ALA B 255 -13.21 35.80 -30.25
C ALA B 255 -14.15 35.13 -29.25
N ALA B 256 -15.41 35.55 -29.27
CA ALA B 256 -16.39 35.02 -28.33
C ALA B 256 -16.63 33.51 -28.52
N ALA B 257 -16.71 33.08 -29.78
CA ALA B 257 -16.92 31.66 -30.07
C ALA B 257 -15.69 30.83 -29.67
N LYS B 258 -14.52 31.37 -29.98
CA LYS B 258 -13.27 30.67 -29.77
C LYS B 258 -13.03 30.44 -28.27
N ARG B 259 -13.56 31.34 -27.46
CA ARG B 259 -13.42 31.24 -26.03
C ARG B 259 -14.25 30.05 -25.46
N ARG B 260 -15.28 29.64 -26.20
CA ARG B 260 -16.21 28.61 -25.73
C ARG B 260 -15.93 27.16 -26.18
N THR B 261 -15.00 26.97 -27.10
CA THR B 261 -14.88 25.68 -27.75
C THR B 261 -13.46 25.12 -27.74
N ILE B 262 -13.33 23.83 -27.42
CA ILE B 262 -12.06 23.11 -27.61
C ILE B 262 -12.32 21.93 -28.55
N MSE B 263 -11.42 21.75 -29.50
CA MSE B 263 -11.54 20.63 -30.42
C MSE B 263 -10.41 19.64 -30.16
O MSE B 263 -9.25 20.01 -30.16
CB MSE B 263 -11.49 21.11 -31.87
CG MSE B 263 -11.78 20.02 -32.89
SE MSE B 263 -11.55 20.64 -34.75
CE MSE B 263 -9.62 20.67 -34.85
N ILE B 264 -10.77 18.38 -29.97
CA ILE B 264 -9.78 17.33 -29.75
C ILE B 264 -9.68 16.48 -30.97
N THR B 265 -8.47 16.28 -31.48
CA THR B 265 -8.31 15.39 -32.61
C THR B 265 -7.25 14.35 -32.30
N ILE B 266 -7.62 13.08 -32.32
CA ILE B 266 -6.67 11.98 -32.10
C ILE B 266 -5.64 11.98 -33.23
N PRO B 267 -4.33 11.89 -32.88
CA PRO B 267 -3.30 11.85 -33.92
C PRO B 267 -3.50 10.67 -34.86
N ASP B 268 -3.05 10.82 -36.09
CA ASP B 268 -3.20 9.79 -37.11
C ASP B 268 -2.40 8.56 -36.71
N GLY B 269 -2.93 7.38 -37.00
CA GLY B 269 -2.22 6.17 -36.65
C GLY B 269 -2.66 5.45 -35.39
N VAL B 270 -3.39 6.12 -34.50
CA VAL B 270 -3.86 5.45 -33.28
C VAL B 270 -5.00 4.50 -33.64
N ILE B 271 -5.97 5.00 -34.41
CA ILE B 271 -7.08 4.18 -34.87
C ILE B 271 -6.61 3.38 -36.10
N PRO B 272 -6.79 2.06 -36.07
CA PRO B 272 -6.32 1.19 -37.14
C PRO B 272 -6.98 1.46 -38.48
N MSE C 1 24.77 -22.90 0.93
CA MSE C 1 25.15 -21.59 1.44
C MSE C 1 23.99 -20.64 1.29
O MSE C 1 24.20 -19.42 1.10
CB MSE C 1 26.34 -21.06 0.64
CG MSE C 1 27.57 -21.92 0.88
SE MSE C 1 28.04 -21.89 2.79
CE MSE C 1 28.54 -19.99 2.93
N LEU C 2 22.78 -21.17 1.38
CA LEU C 2 21.59 -20.37 1.27
C LEU C 2 20.52 -20.91 2.21
N THR C 3 19.85 -20.04 2.95
CA THR C 3 18.75 -20.44 3.82
C THR C 3 17.45 -19.70 3.55
N GLU C 4 16.38 -20.42 3.24
CA GLU C 4 15.13 -19.75 2.99
C GLU C 4 14.45 -19.38 4.31
N PHE C 5 13.47 -18.50 4.26
CA PHE C 5 12.81 -18.05 5.48
C PHE C 5 11.44 -17.54 5.12
N ASP C 6 10.57 -17.44 6.11
CA ASP C 6 9.26 -16.88 5.89
C ASP C 6 9.28 -15.38 6.15
N ALA C 7 9.07 -14.60 5.09
CA ALA C 7 9.10 -13.15 5.22
C ALA C 7 7.89 -12.66 6.04
N GLY C 8 6.81 -13.43 6.05
CA GLY C 8 5.70 -13.14 6.94
C GLY C 8 4.48 -12.43 6.38
N TYR C 9 4.08 -11.36 7.05
CA TYR C 9 2.74 -10.81 6.93
C TYR C 9 2.67 -9.42 6.30
N GLY C 10 3.58 -9.13 5.37
CA GLY C 10 3.63 -7.82 4.76
C GLY C 10 2.51 -7.52 3.79
N GLU C 11 1.97 -8.57 3.15
CA GLU C 11 0.94 -8.41 2.11
C GLU C 11 -0.48 -8.42 2.65
N GLN C 12 -1.35 -7.69 1.96
CA GLN C 12 -2.77 -7.74 2.26
C GLN C 12 -3.30 -9.07 1.74
N PRO C 13 -4.39 -9.59 2.36
CA PRO C 13 -5.10 -9.02 3.52
C PRO C 13 -4.40 -9.32 4.85
N PHE C 14 -3.31 -10.06 4.79
CA PHE C 14 -2.69 -10.52 6.02
C PHE C 14 -2.09 -9.40 6.87
N ARG C 15 -1.56 -8.36 6.23
CA ARG C 15 -0.97 -7.24 6.96
C ARG C 15 -2.01 -6.60 7.86
N ASP C 16 -3.22 -6.38 7.35
CA ASP C 16 -4.25 -5.75 8.18
C ASP C 16 -4.88 -6.75 9.17
N LEU C 17 -4.88 -8.04 8.84
CA LEU C 17 -5.35 -9.03 9.80
C LEU C 17 -4.44 -9.04 11.05
N CYS C 18 -3.13 -9.02 10.83
CA CYS C 18 -2.18 -9.08 11.94
C CYS C 18 -2.09 -7.76 12.68
N ALA C 19 -2.59 -6.69 12.09
CA ALA C 19 -2.50 -5.39 12.76
C ALA C 19 -3.73 -5.13 13.61
N ASN C 20 -4.74 -5.97 13.45
CA ASN C 20 -6.03 -5.84 14.12
C ASN C 20 -6.53 -7.17 14.67
N TYR C 21 -5.85 -7.72 15.67
CA TYR C 21 -6.24 -9.03 16.16
C TYR C 21 -7.03 -8.92 17.46
N PRO C 22 -7.83 -9.95 17.79
CA PRO C 22 -8.60 -9.92 19.04
C PRO C 22 -7.75 -10.13 20.31
N GLY C 23 -8.10 -9.42 21.37
CA GLY C 23 -7.43 -9.55 22.65
C GLY C 23 -8.38 -10.08 23.69
N ALA C 24 -8.37 -9.45 24.87
CA ALA C 24 -9.16 -9.91 26.02
C ALA C 24 -10.67 -9.85 25.76
N GLU C 25 -11.09 -9.00 24.83
CA GLU C 25 -12.51 -8.84 24.54
C GLU C 25 -13.10 -10.10 23.89
N ALA C 26 -12.25 -10.92 23.26
CA ALA C 26 -12.71 -12.14 22.59
C ALA C 26 -12.22 -13.41 23.28
N TYR C 27 -10.99 -13.38 23.78
CA TYR C 27 -10.39 -14.51 24.48
C TYR C 27 -10.23 -14.20 25.96
N ASP C 28 -10.98 -14.90 26.81
CA ASP C 28 -10.91 -14.71 28.26
C ASP C 28 -9.45 -14.84 28.76
N PRO C 29 -8.98 -13.84 29.52
CA PRO C 29 -7.60 -13.75 29.99
C PRO C 29 -7.23 -14.86 30.99
N HIS C 30 -8.23 -15.47 31.62
CA HIS C 30 -7.94 -16.59 32.52
C HIS C 30 -7.90 -17.91 31.77
N ASP C 31 -8.82 -18.10 30.82
CA ASP C 31 -8.96 -19.38 30.14
C ASP C 31 -8.02 -19.50 28.95
N PHE C 32 -7.39 -18.39 28.58
CA PHE C 32 -6.47 -18.33 27.45
C PHE C 32 -5.18 -17.64 27.80
N ARG C 33 -4.08 -18.15 27.28
CA ARG C 33 -2.76 -17.53 27.47
C ARG C 33 -2.52 -16.37 26.51
N ILE C 34 -3.32 -15.30 26.63
CA ILE C 34 -3.19 -14.14 25.74
C ILE C 34 -1.91 -13.37 26.05
N GLU C 35 -1.30 -13.66 27.21
CA GLU C 35 -0.12 -12.93 27.65
C GLU C 35 1.08 -13.18 26.73
N TRP C 36 1.02 -14.23 25.93
CA TRP C 36 2.13 -14.54 25.05
C TRP C 36 1.98 -13.93 23.65
N GLY C 37 0.83 -13.30 23.40
CA GLY C 37 0.53 -12.75 22.09
C GLY C 37 0.08 -13.82 21.12
N PRO C 38 -0.63 -13.40 20.07
CA PRO C 38 -1.22 -14.33 19.11
C PRO C 38 -0.17 -14.95 18.21
N ILE C 39 -0.37 -16.21 17.83
CA ILE C 39 0.47 -16.85 16.81
C ILE C 39 -0.44 -17.22 15.62
N PHE C 40 -0.10 -16.74 14.43
CA PHE C 40 -1.09 -16.68 13.35
C PHE C 40 -1.15 -17.88 12.41
N HIS C 41 0.00 -18.43 12.01
CA HIS C 41 -0.05 -19.43 10.95
C HIS C 41 1.27 -20.19 10.84
N ARG C 42 1.31 -21.14 9.91
CA ARG C 42 2.56 -21.67 9.35
C ARG C 42 2.34 -22.13 7.90
N GLY C 43 3.35 -21.89 7.06
CA GLY C 43 3.32 -22.29 5.68
C GLY C 43 3.09 -21.12 4.73
N ARG C 44 2.58 -21.42 3.54
CA ARG C 44 2.50 -20.45 2.46
C ARG C 44 1.32 -19.50 2.58
N LEU C 45 1.58 -18.21 2.41
CA LEU C 45 0.52 -17.22 2.36
C LEU C 45 0.50 -16.52 0.99
N ASP C 46 1.34 -16.99 0.08
CA ASP C 46 1.45 -16.43 -1.27
C ASP C 46 0.43 -17.01 -2.26
N GLY C 47 -0.39 -17.97 -1.80
CA GLY C 47 -1.43 -18.57 -2.62
C GLY C 47 -1.07 -19.92 -3.22
N SER C 48 0.16 -20.38 -3.00
CA SER C 48 0.61 -21.62 -3.61
C SER C 48 0.28 -22.85 -2.75
N ALA C 49 -0.40 -22.63 -1.63
CA ALA C 49 -0.79 -23.75 -0.76
C ALA C 49 -1.83 -24.63 -1.41
N ARG C 50 -1.66 -25.94 -1.29
CA ARG C 50 -2.62 -26.89 -1.84
C ARG C 50 -3.46 -27.54 -0.73
N VAL C 51 -2.88 -27.64 0.46
CA VAL C 51 -3.56 -28.24 1.60
C VAL C 51 -3.69 -27.27 2.76
N LEU C 52 -4.89 -27.16 3.31
CA LEU C 52 -5.08 -26.38 4.51
C LEU C 52 -5.08 -27.33 5.72
N ILE C 53 -4.23 -27.07 6.71
CA ILE C 53 -4.26 -27.83 7.95
C ILE C 53 -4.92 -26.94 9.00
N VAL C 54 -5.93 -27.45 9.70
CA VAL C 54 -6.52 -26.70 10.81
C VAL C 54 -6.16 -27.37 12.14
N GLY C 55 -5.31 -26.72 12.92
CA GLY C 55 -4.89 -27.27 14.19
C GLY C 55 -5.75 -26.71 15.30
N GLN C 56 -5.34 -26.97 16.53
CA GLN C 56 -6.16 -26.55 17.66
C GLN C 56 -5.68 -25.27 18.34
N ASP C 57 -4.52 -25.33 19.00
CA ASP C 57 -3.99 -24.18 19.75
C ASP C 57 -2.49 -24.36 19.94
N PRO C 58 -1.75 -23.25 20.09
CA PRO C 58 -0.27 -23.29 20.17
C PRO C 58 0.27 -23.64 21.57
N ALA C 59 1.51 -24.09 21.68
CA ALA C 59 2.12 -24.35 23.00
C ALA C 59 3.43 -23.58 23.12
N GLN C 60 4.39 -24.05 23.93
CA GLN C 60 5.52 -23.18 24.26
C GLN C 60 6.56 -23.02 23.14
N HIS C 61 6.76 -24.06 22.33
CA HIS C 61 7.70 -23.93 21.22
C HIS C 61 7.21 -22.92 20.18
N GLU C 62 5.92 -22.95 19.88
CA GLU C 62 5.31 -22.01 18.93
C GLU C 62 5.42 -20.60 19.47
N THR C 63 5.33 -20.48 20.80
CA THR C 63 5.39 -19.19 21.46
C THR C 63 6.76 -18.52 21.25
N ILE C 64 7.80 -19.31 21.05
CA ILE C 64 9.12 -18.78 20.76
C ILE C 64 9.35 -18.58 19.26
N VAL C 65 8.99 -19.57 18.46
CA VAL C 65 9.23 -19.52 17.02
C VAL C 65 8.30 -18.52 16.34
N ARG C 66 7.10 -18.35 16.90
CA ARG C 66 6.08 -17.44 16.36
C ARG C 66 5.44 -17.94 15.07
N ARG C 67 5.45 -19.26 14.89
CA ARG C 67 4.67 -19.93 13.87
C ARG C 67 4.01 -21.14 14.54
N ILE C 68 2.87 -21.61 14.02
CA ILE C 68 2.17 -22.70 14.72
C ILE C 68 2.69 -24.08 14.35
N LEU C 69 2.31 -25.09 15.14
CA LEU C 69 2.62 -26.50 14.87
C LEU C 69 4.11 -26.80 14.54
N VAL C 70 5.01 -26.42 15.46
CA VAL C 70 6.44 -26.67 15.24
C VAL C 70 6.98 -27.62 16.29
N GLY C 71 6.12 -28.10 17.18
CA GLY C 71 6.53 -29.05 18.20
C GLY C 71 6.45 -30.49 17.72
N THR C 72 6.18 -31.40 18.66
CA THR C 72 6.09 -32.82 18.33
C THR C 72 4.94 -33.05 17.37
N ALA C 73 3.82 -32.40 17.66
CA ALA C 73 2.64 -32.47 16.83
C ALA C 73 2.98 -32.03 15.40
N GLY C 74 3.88 -31.06 15.29
CA GLY C 74 4.27 -30.50 14.01
C GLY C 74 5.05 -31.45 13.14
N ARG C 75 5.97 -32.19 13.73
CA ARG C 75 6.79 -33.10 12.95
C ARG C 75 5.97 -34.30 12.47
N ARG C 76 4.96 -34.65 13.25
CA ARG C 76 4.01 -35.70 12.85
C ARG C 76 3.08 -35.24 11.73
N THR C 77 2.62 -34.00 11.82
CA THR C 77 1.81 -33.43 10.77
C THR C 77 2.63 -33.31 9.48
N GLN C 78 3.89 -32.90 9.61
CA GLN C 78 4.80 -32.82 8.46
C GLN C 78 4.92 -34.16 7.74
N GLY C 79 5.00 -35.23 8.52
CA GLY C 79 5.14 -36.58 7.98
C GLY C 79 3.90 -37.06 7.25
N PHE C 80 2.74 -36.65 7.77
CA PHE C 80 1.46 -36.92 7.16
C PHE C 80 1.36 -36.29 5.77
N LEU C 81 1.71 -35.00 5.69
CA LEU C 81 1.72 -34.26 4.44
C LEU C 81 2.76 -34.84 3.47
N ALA C 82 3.91 -35.25 3.99
CA ALA C 82 4.95 -35.86 3.16
C ALA C 82 4.45 -37.10 2.43
N LYS C 83 3.52 -37.82 3.07
CA LYS C 83 2.96 -39.04 2.52
C LYS C 83 1.99 -38.76 1.37
N LEU C 84 1.43 -37.56 1.35
CA LEU C 84 0.62 -37.10 0.23
C LEU C 84 1.50 -36.43 -0.83
N GLY C 85 2.81 -36.54 -0.67
CA GLY C 85 3.76 -35.92 -1.60
C GLY C 85 3.86 -34.41 -1.48
N ILE C 86 3.32 -33.88 -0.39
CA ILE C 86 3.34 -32.44 -0.09
C ILE C 86 4.49 -32.07 0.83
N VAL C 87 5.43 -31.28 0.31
CA VAL C 87 6.66 -30.93 1.04
C VAL C 87 6.66 -29.48 1.55
N GLN C 88 6.10 -28.57 0.76
CA GLN C 88 6.05 -27.17 1.17
C GLN C 88 4.72 -26.51 0.85
N SER C 89 3.90 -27.16 0.04
CA SER C 89 2.68 -26.53 -0.46
C SER C 89 1.53 -26.70 0.53
N TYR C 90 1.69 -26.10 1.70
CA TYR C 90 0.66 -26.18 2.73
C TYR C 90 0.51 -24.84 3.42
N VAL C 91 -0.57 -24.72 4.19
CA VAL C 91 -0.77 -23.58 5.04
C VAL C 91 -1.52 -24.08 6.26
N MSE C 92 -1.17 -23.58 7.44
CA MSE C 92 -1.78 -24.05 8.66
C MSE C 92 -2.31 -22.88 9.49
O MSE C 92 -1.67 -21.84 9.55
CB MSE C 92 -0.76 -24.88 9.45
CG MSE C 92 0.12 -25.72 8.55
SE MSE C 92 1.18 -26.94 9.59
CE MSE C 92 2.17 -27.89 8.20
N VAL C 93 -3.46 -23.07 10.09
CA VAL C 93 -4.13 -22.03 10.88
C VAL C 93 -4.66 -22.71 12.15
N ASN C 94 -4.80 -21.98 13.25
CA ASN C 94 -5.33 -22.61 14.45
C ASN C 94 -6.77 -22.27 14.74
N THR C 95 -7.44 -23.18 15.43
CA THR C 95 -8.75 -22.94 15.99
C THR C 95 -8.72 -21.71 16.87
N PHE C 96 -7.69 -21.64 17.73
CA PHE C 96 -7.50 -20.53 18.65
C PHE C 96 -6.17 -19.81 18.40
N LEU C 97 -6.20 -18.49 18.53
CA LEU C 97 -5.01 -17.65 18.35
C LEU C 97 -4.01 -17.82 19.49
N TYR C 98 -4.54 -18.22 20.64
CA TYR C 98 -3.80 -18.32 21.89
C TYR C 98 -3.93 -19.73 22.44
N SER C 99 -2.93 -20.15 23.22
CA SER C 99 -2.98 -21.42 23.92
C SER C 99 -4.14 -21.46 24.92
N VAL C 100 -4.83 -22.61 24.95
CA VAL C 100 -5.87 -22.82 25.94
C VAL C 100 -5.21 -23.04 27.29
N TYR C 101 -5.69 -22.38 28.31
CA TYR C 101 -5.17 -22.63 29.62
C TYR C 101 -6.01 -23.57 30.45
N GLY C 102 -5.47 -24.73 30.74
CA GLY C 102 -6.03 -25.57 31.74
C GLY C 102 -7.25 -26.36 31.36
N GLN C 103 -8.18 -26.43 32.31
CA GLN C 103 -9.32 -27.34 32.26
C GLN C 103 -10.35 -27.06 31.20
N SER C 104 -10.20 -27.65 30.03
CA SER C 104 -11.21 -27.51 29.02
C SER C 104 -11.48 -26.04 28.80
N GLY C 105 -10.54 -25.19 29.16
CA GLY C 105 -10.73 -23.75 28.99
C GLY C 105 -10.83 -23.39 27.52
N GLY C 106 -10.91 -24.40 26.66
CA GLY C 106 -10.98 -24.24 25.23
C GLY C 106 -12.35 -24.40 24.64
N SER C 107 -12.91 -25.60 24.76
CA SER C 107 -14.22 -25.88 24.23
C SER C 107 -15.30 -25.15 24.96
N LYS C 108 -14.97 -24.62 26.11
CA LYS C 108 -15.84 -23.76 26.85
C LYS C 108 -16.09 -22.45 26.17
N HIS C 109 -15.36 -22.16 25.12
CA HIS C 109 -15.46 -20.87 24.47
C HIS C 109 -15.52 -21.01 22.99
N LYS C 110 -15.56 -22.22 22.52
CA LYS C 110 -15.49 -22.48 21.12
C LYS C 110 -16.47 -21.73 20.24
N ASN C 111 -17.51 -21.16 20.81
CA ASN C 111 -18.50 -20.44 20.02
C ASN C 111 -18.54 -18.93 20.24
N GLU C 112 -17.59 -18.38 21.00
CA GLU C 112 -17.55 -16.94 21.20
C GLU C 112 -17.35 -16.23 19.85
N PRO C 113 -18.24 -15.27 19.52
CA PRO C 113 -18.26 -14.64 18.19
C PRO C 113 -16.93 -13.99 17.79
N GLY C 114 -16.33 -13.25 18.73
CA GLY C 114 -15.04 -12.60 18.49
C GLY C 114 -13.98 -13.59 18.04
N ILE C 115 -13.97 -14.77 18.65
CA ILE C 115 -13.00 -15.78 18.28
C ILE C 115 -13.34 -16.31 16.90
N VAL C 116 -14.59 -16.73 16.73
CA VAL C 116 -15.04 -17.37 15.49
C VAL C 116 -14.98 -16.41 14.28
N ASP C 117 -15.39 -15.16 14.46
CA ASP C 117 -15.38 -14.20 13.35
C ASP C 117 -13.98 -13.95 12.79
N TYR C 118 -13.02 -13.71 13.68
CA TYR C 118 -11.66 -13.43 13.26
C TYR C 118 -11.03 -14.64 12.57
N ARG C 119 -11.25 -15.82 13.12
CA ARG C 119 -10.70 -17.05 12.53
C ARG C 119 -11.21 -17.26 11.10
N ASN C 120 -12.49 -16.96 10.88
CA ASN C 120 -13.11 -17.09 9.56
C ASN C 120 -12.44 -16.15 8.54
N LYS C 121 -12.06 -14.95 8.98
CA LYS C 121 -11.33 -14.02 8.10
C LYS C 121 -10.03 -14.66 7.63
N TRP C 122 -9.39 -15.46 8.49
CA TRP C 122 -8.17 -16.16 8.09
C TRP C 122 -8.50 -17.27 7.10
N PHE C 123 -9.57 -18.01 7.38
CA PHE C 123 -10.10 -19.00 6.44
C PHE C 123 -10.42 -18.37 5.08
N LYS C 124 -11.21 -17.30 5.10
CA LYS C 124 -11.61 -16.63 3.86
C LYS C 124 -10.37 -16.19 3.08
N ALA C 125 -9.39 -15.64 3.82
CA ALA C 125 -8.15 -15.16 3.21
C ALA C 125 -7.27 -16.31 2.71
N VAL C 126 -7.16 -17.39 3.46
CA VAL C 126 -6.28 -18.47 3.01
C VAL C 126 -6.92 -19.25 1.87
N LEU C 127 -8.25 -19.32 1.86
CA LEU C 127 -8.95 -20.04 0.80
C LEU C 127 -9.15 -19.18 -0.46
N GLY C 128 -9.08 -17.86 -0.32
CA GLY C 128 -9.30 -16.91 -1.41
C GLY C 128 -8.73 -17.25 -2.79
N PRO C 129 -7.41 -17.48 -2.87
CA PRO C 129 -6.74 -17.83 -4.14
C PRO C 129 -7.29 -19.08 -4.83
N GLY C 130 -7.99 -19.95 -4.10
CA GLY C 130 -8.70 -21.06 -4.70
C GLY C 130 -7.88 -22.26 -5.14
N ASN C 131 -6.66 -22.39 -4.63
CA ASN C 131 -5.79 -23.50 -5.01
C ASN C 131 -5.73 -24.58 -3.94
N ILE C 132 -6.49 -24.39 -2.88
CA ILE C 132 -6.56 -25.37 -1.81
C ILE C 132 -7.39 -26.57 -2.30
N GLU C 133 -6.78 -27.76 -2.28
CA GLU C 133 -7.43 -28.95 -2.82
C GLU C 133 -7.93 -29.90 -1.75
N ALA C 134 -7.42 -29.73 -0.52
CA ALA C 134 -7.80 -30.59 0.59
C ALA C 134 -7.65 -29.91 1.94
N VAL C 135 -8.55 -30.23 2.85
CA VAL C 135 -8.53 -29.69 4.20
C VAL C 135 -8.47 -30.82 5.23
N VAL C 136 -7.54 -30.69 6.17
CA VAL C 136 -7.37 -31.66 7.24
C VAL C 136 -7.44 -30.96 8.59
N SER C 137 -8.35 -31.37 9.45
CA SER C 137 -8.42 -30.79 10.79
C SER C 137 -7.82 -31.79 11.79
N LEU C 138 -7.19 -31.28 12.83
CA LEU C 138 -6.55 -32.17 13.80
C LEU C 138 -7.41 -32.32 15.05
N GLY C 139 -7.65 -31.23 15.77
CA GLY C 139 -8.49 -31.36 16.95
C GLY C 139 -9.97 -31.73 16.73
N GLY C 140 -10.64 -32.05 17.82
CA GLY C 140 -12.08 -32.25 17.79
C GLY C 140 -12.63 -30.85 17.59
N LEU C 141 -12.04 -29.90 18.31
CA LEU C 141 -12.39 -28.48 18.21
C LEU C 141 -12.07 -27.91 16.83
N ALA C 142 -11.01 -28.44 16.20
CA ALA C 142 -10.63 -28.01 14.85
C ALA C 142 -11.68 -28.42 13.84
N ASP C 143 -12.21 -29.62 14.04
CA ASP C 143 -13.25 -30.15 13.18
C ASP C 143 -14.51 -29.30 13.35
N GLU C 144 -14.84 -28.96 14.58
CA GLU C 144 -15.97 -28.09 14.84
C GLU C 144 -15.72 -26.67 14.30
N ALA C 145 -14.45 -26.25 14.23
CA ALA C 145 -14.12 -24.94 13.67
C ALA C 145 -14.39 -24.91 12.16
N TRP C 146 -13.98 -25.97 11.48
CA TRP C 146 -14.20 -26.07 10.05
C TRP C 146 -15.70 -26.10 9.72
N LYS C 147 -16.48 -26.80 10.55
CA LYS C 147 -17.93 -26.88 10.39
C LYS C 147 -18.63 -25.53 10.61
N ALA C 148 -18.16 -24.75 11.58
CA ALA C 148 -18.73 -23.40 11.81
C ALA C 148 -18.41 -22.47 10.63
N TRP C 149 -17.29 -22.71 9.96
CA TRP C 149 -16.95 -21.98 8.73
C TRP C 149 -17.96 -22.27 7.61
N LEU C 150 -18.28 -23.56 7.45
CA LEU C 150 -19.21 -24.00 6.41
C LEU C 150 -20.64 -23.48 6.65
N LYS C 151 -20.96 -23.16 7.90
CA LYS C 151 -22.30 -22.68 8.24
C LYS C 151 -22.45 -21.18 7.96
N SER C 152 -21.32 -20.50 7.74
CA SER C 152 -21.32 -19.07 7.41
C SER C 152 -21.52 -18.82 5.91
N SER C 153 -21.89 -17.58 5.54
CA SER C 153 -22.20 -17.26 4.15
C SER C 153 -21.02 -17.52 3.23
N ASP C 154 -19.85 -16.99 3.62
CA ASP C 154 -18.63 -17.06 2.81
C ASP C 154 -18.10 -18.48 2.74
N GLY C 155 -18.40 -19.28 3.77
CA GLY C 155 -17.88 -20.64 3.83
C GLY C 155 -18.69 -21.63 3.02
N ALA C 156 -19.92 -21.26 2.67
CA ALA C 156 -20.84 -22.14 1.93
C ALA C 156 -20.23 -22.74 0.65
N ALA C 157 -19.37 -21.98 -0.02
CA ALA C 157 -18.76 -22.41 -1.28
C ALA C 157 -17.78 -23.58 -1.14
N TYR C 158 -17.42 -23.92 0.09
CA TYR C 158 -16.36 -24.91 0.31
C TYR C 158 -16.86 -26.24 0.89
N LYS C 159 -18.18 -26.43 0.91
CA LYS C 159 -18.77 -27.67 1.43
C LYS C 159 -18.33 -28.87 0.60
N THR C 160 -17.97 -28.62 -0.66
CA THR C 160 -17.56 -29.68 -1.56
C THR C 160 -16.08 -29.94 -1.46
N LEU C 161 -15.36 -29.06 -0.77
CA LEU C 161 -13.92 -29.19 -0.68
C LEU C 161 -13.55 -30.42 0.19
N ALA C 162 -12.71 -31.27 -0.39
CA ALA C 162 -12.30 -32.52 0.24
C ALA C 162 -11.80 -32.28 1.66
N TYR C 163 -12.38 -33.01 2.60
CA TYR C 163 -12.15 -32.73 3.99
C TYR C 163 -12.03 -34.00 4.79
N GLN C 164 -11.01 -34.05 5.65
CA GLN C 164 -10.88 -35.19 6.53
C GLN C 164 -10.53 -34.71 7.94
N HIS C 165 -11.31 -35.15 8.93
CA HIS C 165 -10.95 -34.97 10.33
C HIS C 165 -10.19 -36.20 10.83
N ILE C 166 -8.96 -35.99 11.28
CA ILE C 166 -8.14 -37.04 11.86
C ILE C 166 -7.85 -36.68 13.31
N THR C 167 -7.48 -37.67 14.10
CA THR C 167 -7.20 -37.47 15.52
C THR C 167 -5.93 -36.63 15.74
N HIS C 168 -5.98 -35.76 16.76
CA HIS C 168 -4.87 -34.87 17.09
C HIS C 168 -3.58 -35.63 17.36
N PRO C 169 -2.50 -35.25 16.67
CA PRO C 169 -1.19 -35.94 16.62
C PRO C 169 -0.66 -36.41 17.98
N THR C 170 -0.94 -35.69 19.06
CA THR C 170 -0.42 -36.07 20.37
C THR C 170 -1.49 -36.69 21.27
N TRP C 171 -2.59 -37.14 20.68
CA TRP C 171 -3.62 -37.84 21.45
C TRP C 171 -3.11 -39.08 22.20
N PRO C 172 -2.24 -39.92 21.56
CA PRO C 172 -1.76 -41.08 22.33
C PRO C 172 -1.07 -40.76 23.66
N GLU C 173 -0.21 -39.75 23.67
CA GLU C 173 0.54 -39.43 24.88
C GLU C 173 -0.34 -38.69 25.89
N SER C 174 -1.40 -38.06 25.40
CA SER C 174 -2.24 -37.27 26.29
C SER C 174 -3.36 -38.14 26.91
N SER C 175 -3.61 -39.31 26.33
CA SER C 175 -4.68 -40.19 26.78
C SER C 175 -4.22 -41.16 27.88
N ALA C 176 -2.92 -41.42 27.98
CA ALA C 176 -2.42 -42.40 28.94
C ALA C 176 -0.97 -42.14 29.28
N HIS C 177 -0.56 -42.58 30.45
CA HIS C 177 0.79 -42.35 30.90
C HIS C 177 1.64 -43.60 30.72
N ASP C 178 0.98 -44.75 30.67
CA ASP C 178 1.62 -46.03 30.39
C ASP C 178 2.26 -46.10 28.99
N SER C 179 3.49 -46.61 28.92
CA SER C 179 4.17 -46.79 27.64
C SER C 179 3.42 -47.74 26.70
N ALA C 180 2.84 -48.80 27.25
CA ALA C 180 2.15 -49.82 26.45
C ALA C 180 0.82 -49.34 25.89
N THR C 181 0.11 -48.49 26.65
CA THR C 181 -1.16 -47.94 26.20
C THR C 181 -0.91 -46.90 25.11
N GLN C 182 0.20 -46.19 25.24
CA GLN C 182 0.63 -45.23 24.23
C GLN C 182 0.88 -45.94 22.90
N ALA C 183 1.55 -47.09 22.95
CA ALA C 183 1.81 -47.86 21.74
C ALA C 183 0.50 -48.34 21.12
N ALA C 184 -0.42 -48.78 21.97
CA ALA C 184 -1.72 -49.30 21.52
C ALA C 184 -2.61 -48.22 20.92
N ASN C 185 -2.64 -47.06 21.54
CA ASN C 185 -3.43 -45.95 21.02
C ASN C 185 -2.79 -45.41 19.75
N THR C 186 -1.47 -45.54 19.65
CA THR C 186 -0.74 -45.15 18.44
C THR C 186 -1.12 -46.03 17.23
N LYS C 187 -1.28 -47.32 17.46
CA LYS C 187 -1.68 -48.23 16.38
C LYS C 187 -3.11 -47.89 15.94
N ILE C 188 -3.96 -47.53 16.90
CA ILE C 188 -5.32 -47.08 16.60
C ILE C 188 -5.37 -45.80 15.75
N MSE C 189 -4.47 -44.86 16.06
CA MSE C 189 -4.42 -43.58 15.34
C MSE C 189 -3.85 -43.74 13.93
O MSE C 189 -4.43 -43.25 12.97
CB MSE C 189 -3.58 -42.56 16.12
CG MSE C 189 -3.03 -41.39 15.28
SE MSE C 189 -2.14 -40.02 16.35
CE MSE C 189 -3.72 -39.29 17.17
N LEU C 190 -2.71 -44.43 13.82
CA LEU C 190 -2.07 -44.62 12.52
C LEU C 190 -2.96 -45.40 11.57
N ALA C 191 -3.82 -46.25 12.13
CA ALA C 191 -4.81 -46.95 11.32
C ALA C 191 -5.83 -45.96 10.74
N LYS C 192 -6.33 -45.05 11.58
CA LYS C 192 -7.27 -44.05 11.10
C LYS C 192 -6.62 -43.06 10.13
N TRP C 193 -5.35 -42.75 10.38
CA TRP C 193 -4.59 -41.86 9.51
C TRP C 193 -4.37 -42.49 8.13
N ASN C 194 -4.16 -43.80 8.07
CA ASN C 194 -4.02 -44.51 6.80
C ASN C 194 -5.30 -44.41 5.96
N ALA C 195 -6.45 -44.40 6.63
CA ALA C 195 -7.73 -44.28 5.94
C ALA C 195 -7.90 -42.89 5.33
N ALA C 196 -7.54 -41.86 6.08
CA ALA C 196 -7.61 -40.49 5.60
C ALA C 196 -6.66 -40.27 4.44
N LEU C 197 -5.44 -40.81 4.54
CA LEU C 197 -4.45 -40.70 3.47
C LEU C 197 -5.01 -41.27 2.17
N ALA C 198 -5.60 -42.45 2.26
CA ALA C 198 -6.21 -43.09 1.10
C ALA C 198 -7.35 -42.25 0.53
N ALA C 199 -8.13 -41.63 1.41
CA ALA C 199 -9.24 -40.76 0.98
C ALA C 199 -8.76 -39.45 0.35
N LEU C 200 -7.63 -38.92 0.82
CA LEU C 200 -7.15 -37.63 0.35
C LEU C 200 -6.20 -37.75 -0.84
N ALA C 201 -5.43 -38.83 -0.87
CA ALA C 201 -4.44 -39.06 -1.94
C ALA C 201 -4.97 -38.83 -3.38
N PRO C 202 -6.20 -39.27 -3.70
CA PRO C 202 -6.58 -39.04 -5.11
C PRO C 202 -6.89 -37.59 -5.45
N GLU C 203 -7.06 -36.72 -4.46
CA GLU C 203 -7.41 -35.34 -4.74
C GLU C 203 -6.21 -34.41 -4.60
N VAL C 204 -5.07 -34.99 -4.22
CA VAL C 204 -3.81 -34.24 -4.23
C VAL C 204 -3.28 -34.33 -5.65
N LYS C 205 -3.82 -33.46 -6.51
CA LYS C 205 -3.54 -33.46 -7.94
C LYS C 205 -2.23 -32.82 -8.27
N HIS C 206 -1.76 -31.97 -7.37
CA HIS C 206 -0.54 -31.22 -7.60
C HIS C 206 0.46 -31.41 -6.48
N PRO C 207 0.99 -32.63 -6.35
CA PRO C 207 1.99 -32.84 -5.30
C PRO C 207 3.27 -32.08 -5.67
N ASP C 208 4.09 -31.74 -4.67
CA ASP C 208 5.40 -31.15 -4.94
C ASP C 208 6.30 -32.25 -5.50
N VAL C 209 6.13 -33.46 -4.98
CA VAL C 209 6.85 -34.61 -5.48
C VAL C 209 5.87 -35.75 -5.71
N PRO C 210 5.66 -36.14 -6.98
CA PRO C 210 4.77 -37.29 -7.21
C PRO C 210 5.30 -38.49 -6.44
N THR C 211 4.43 -39.06 -5.60
CA THR C 211 4.82 -40.05 -4.60
C THR C 211 3.73 -41.12 -4.52
N THR C 212 4.14 -42.38 -4.42
CA THR C 212 3.17 -43.45 -4.18
C THR C 212 2.93 -43.56 -2.68
N LEU C 213 1.65 -43.58 -2.30
CA LEU C 213 1.26 -43.55 -0.91
C LEU C 213 1.75 -44.82 -0.20
N VAL C 214 2.61 -44.64 0.78
CA VAL C 214 3.11 -45.75 1.60
C VAL C 214 2.61 -45.58 3.03
N PRO C 215 1.67 -46.45 3.46
CA PRO C 215 0.97 -46.38 4.74
C PRO C 215 1.88 -46.51 5.96
N TYR C 216 1.40 -45.96 7.09
CA TYR C 216 2.06 -46.08 8.38
C TYR C 216 2.11 -47.53 8.85
N GLY C 217 3.10 -47.87 9.66
CA GLY C 217 3.08 -49.16 10.35
C GLY C 217 2.21 -49.00 11.59
N ASP C 218 2.57 -49.69 12.68
CA ASP C 218 1.77 -49.61 13.92
C ASP C 218 2.32 -48.53 14.82
N ALA C 219 3.58 -48.21 14.61
CA ALA C 219 4.26 -47.14 15.29
C ALA C 219 4.90 -46.22 14.26
N PHE C 220 5.22 -44.96 14.60
CA PHE C 220 5.91 -44.08 13.66
C PHE C 220 7.29 -44.61 13.42
N LYS C 221 7.80 -44.42 12.23
CA LYS C 221 9.17 -44.75 11.96
C LYS C 221 9.94 -43.45 11.89
N PRO C 222 11.24 -43.48 12.14
CA PRO C 222 11.96 -42.20 12.15
C PRO C 222 11.80 -41.35 10.88
N SER C 223 11.67 -41.97 9.71
CA SER C 223 11.52 -41.22 8.45
C SER C 223 10.15 -40.59 8.27
N GLU C 224 9.16 -40.97 9.09
CA GLU C 224 7.82 -40.40 8.98
C GLU C 224 7.65 -39.23 9.93
N LEU C 225 8.71 -38.92 10.68
CA LEU C 225 8.75 -37.71 11.49
C LEU C 225 9.64 -36.69 10.77
N VAL C 226 9.01 -35.67 10.21
CA VAL C 226 9.70 -34.77 9.28
C VAL C 226 9.95 -33.42 9.92
N ASP C 227 11.21 -33.00 9.92
CA ASP C 227 11.56 -31.68 10.44
C ASP C 227 10.88 -30.55 9.66
N ILE C 228 10.44 -29.52 10.39
CA ILE C 228 9.86 -28.33 9.79
C ILE C 228 10.90 -27.65 8.91
N ILE C 229 10.50 -27.20 7.72
CA ILE C 229 11.45 -26.61 6.77
C ILE C 229 11.78 -25.16 7.11
N ALA C 230 12.98 -24.74 6.74
CA ALA C 230 13.49 -23.40 7.04
C ALA C 230 12.56 -22.31 6.50
N LYS C 231 11.93 -22.59 5.36
CA LYS C 231 11.06 -21.63 4.68
C LYS C 231 9.88 -21.18 5.55
N ASP C 232 9.56 -21.99 6.57
CA ASP C 232 8.44 -21.68 7.48
C ASP C 232 8.81 -20.76 8.62
N LEU C 233 10.10 -20.61 8.85
CA LEU C 233 10.55 -19.86 10.02
C LEU C 233 11.07 -18.49 9.65
N PRO C 234 10.79 -17.49 10.51
CA PRO C 234 11.32 -16.14 10.36
C PRO C 234 12.83 -16.12 10.16
N ALA C 235 13.32 -15.07 9.50
CA ALA C 235 14.73 -14.96 9.13
C ALA C 235 15.67 -15.02 10.33
N GLY C 236 16.71 -15.84 10.24
CA GLY C 236 17.73 -15.87 11.27
C GLY C 236 17.53 -16.94 12.34
N LEU C 237 16.35 -17.54 12.41
CA LEU C 237 16.11 -18.58 13.41
C LEU C 237 17.03 -19.77 13.16
N PRO C 238 17.76 -20.21 14.21
CA PRO C 238 18.76 -21.27 14.07
C PRO C 238 18.12 -22.63 13.80
N ALA C 239 18.86 -23.49 13.14
CA ALA C 239 18.36 -24.77 12.63
C ALA C 239 17.87 -25.73 13.73
N TRP C 240 18.40 -25.63 14.93
CA TRP C 240 17.92 -26.47 15.99
C TRP C 240 16.49 -26.18 16.40
N MSE C 241 16.01 -24.98 16.21
CA MSE C 241 14.64 -24.65 16.53
C MSE C 241 13.72 -25.36 15.60
O MSE C 241 12.54 -25.43 15.86
CB MSE C 241 14.28 -23.17 16.47
CG MSE C 241 14.99 -22.32 17.49
SE MSE C 241 14.22 -20.54 17.76
CE MSE C 241 15.50 -20.06 19.15
N ARG C 242 14.24 -25.88 14.51
CA ARG C 242 13.44 -26.66 13.58
C ARG C 242 14.01 -28.03 13.48
N GLY C 243 14.48 -28.54 14.59
CA GLY C 243 15.06 -29.88 14.67
C GLY C 243 14.21 -30.95 15.37
N ASP C 244 14.86 -32.03 15.84
CA ASP C 244 14.11 -33.16 16.38
C ASP C 244 14.08 -33.24 17.92
N THR C 245 14.80 -32.34 18.59
CA THR C 245 14.92 -32.36 20.05
C THR C 245 14.12 -31.22 20.67
N PRO C 246 13.24 -31.53 21.65
CA PRO C 246 12.54 -30.54 22.47
C PRO C 246 13.50 -29.51 23.05
N TRP C 247 13.12 -28.24 23.10
CA TRP C 247 14.05 -27.23 23.56
C TRP C 247 13.37 -26.10 24.32
N ALA C 248 12.05 -26.19 24.51
CA ALA C 248 11.36 -25.19 25.33
C ALA C 248 10.40 -25.83 26.29
N VAL C 249 10.35 -25.33 27.52
CA VAL C 249 9.39 -25.85 28.47
C VAL C 249 8.89 -24.72 29.37
N ARG C 250 7.65 -24.83 29.86
CA ARG C 250 7.18 -23.93 30.90
C ARG C 250 7.79 -24.39 32.24
N GLN C 251 8.07 -23.45 33.12
CA GLN C 251 8.83 -23.71 34.34
C GLN C 251 8.36 -22.85 35.52
N GLY C 252 8.08 -23.48 36.65
CA GLY C 252 7.71 -22.69 37.81
C GLY C 252 7.44 -23.59 39.00
N VAL C 253 7.52 -23.02 40.19
CA VAL C 253 7.31 -23.77 41.42
C VAL C 253 5.84 -24.13 41.65
N ASP C 254 4.93 -23.30 41.15
CA ASP C 254 3.50 -23.55 41.27
C ASP C 254 2.80 -23.06 40.01
N ALA C 255 1.47 -23.14 39.99
CA ALA C 255 0.70 -22.85 38.79
C ALA C 255 0.98 -21.43 38.27
N ALA C 256 0.93 -20.47 39.18
CA ALA C 256 1.09 -19.08 38.80
C ALA C 256 2.48 -18.76 38.23
N ALA C 257 3.54 -19.29 38.86
CA ALA C 257 4.90 -19.04 38.37
C ALA C 257 5.09 -19.72 37.01
N LYS C 258 4.55 -20.92 36.88
CA LYS C 258 4.73 -21.70 35.66
C LYS C 258 4.02 -21.02 34.48
N ARG C 259 2.97 -20.27 34.78
CA ARG C 259 2.25 -19.58 33.72
C ARG C 259 3.08 -18.41 33.16
N ARG C 260 4.02 -17.90 33.96
CA ARG C 260 4.78 -16.70 33.61
C ARG C 260 6.11 -16.97 32.93
N THR C 261 6.54 -18.22 32.87
CA THR C 261 7.90 -18.52 32.47
C THR C 261 8.03 -19.57 31.37
N ILE C 262 8.91 -19.31 30.41
CA ILE C 262 9.34 -20.33 29.47
C ILE C 262 10.88 -20.43 29.53
N MSE C 263 11.37 -21.66 29.58
CA MSE C 263 12.80 -21.89 29.56
C MSE C 263 13.16 -22.51 28.23
O MSE C 263 12.48 -23.40 27.75
CB MSE C 263 13.21 -22.81 30.72
CG MSE C 263 14.34 -23.77 30.36
SE MSE C 263 14.95 -24.93 31.81
CE MSE C 263 15.14 -23.56 33.14
N ILE C 264 14.22 -21.99 27.64
CA ILE C 264 14.72 -22.46 26.35
C ILE C 264 16.08 -23.08 26.57
N THR C 265 16.28 -24.31 26.12
CA THR C 265 17.59 -24.94 26.24
C THR C 265 18.06 -25.46 24.89
N ILE C 266 19.20 -24.96 24.42
CA ILE C 266 19.77 -25.42 23.17
C ILE C 266 20.18 -26.88 23.30
N PRO C 267 19.76 -27.73 22.34
CA PRO C 267 20.13 -29.15 22.37
C PRO C 267 21.63 -29.32 22.35
N ASP C 268 22.11 -30.40 22.97
CA ASP C 268 23.54 -30.66 23.06
C ASP C 268 24.09 -30.99 21.68
N GLY C 269 25.34 -30.59 21.42
CA GLY C 269 25.97 -30.84 20.14
C GLY C 269 25.96 -29.65 19.21
N VAL C 270 25.12 -28.67 19.51
CA VAL C 270 25.05 -27.47 18.71
C VAL C 270 26.24 -26.56 18.97
N ILE C 271 26.50 -26.30 20.25
CA ILE C 271 27.67 -25.52 20.67
C ILE C 271 28.89 -26.40 20.79
N PRO C 272 30.01 -26.00 20.17
CA PRO C 272 31.25 -26.77 20.24
C PRO C 272 31.77 -26.86 21.68
N MSE D 1 -7.36 1.05 18.24
CA MSE D 1 -7.34 -0.40 18.45
C MSE D 1 -6.46 -1.02 17.36
O MSE D 1 -6.51 -2.22 17.07
CB MSE D 1 -8.75 -0.97 18.40
CG MSE D 1 -9.62 -0.54 19.57
SE MSE D 1 -8.95 -1.02 21.29
CE MSE D 1 -9.18 -2.95 21.14
N LEU D 2 -5.60 -0.24 16.75
CA LEU D 2 -4.72 -0.90 15.84
C LEU D 2 -3.30 -0.89 16.35
N THR D 3 -2.64 -2.03 16.26
CA THR D 3 -1.27 -2.21 16.70
C THR D 3 -0.38 -2.46 15.51
N GLU D 4 0.60 -1.61 15.30
CA GLU D 4 1.51 -1.77 14.18
C GLU D 4 2.58 -2.83 14.45
N PHE D 5 3.29 -3.22 13.40
CA PHE D 5 4.33 -4.23 13.51
C PHE D 5 5.31 -4.11 12.37
N ASP D 6 6.48 -4.69 12.56
CA ASP D 6 7.50 -4.74 11.54
C ASP D 6 7.30 -5.98 10.68
N ALA D 7 6.98 -5.76 9.40
CA ALA D 7 6.77 -6.87 8.47
C ALA D 7 8.10 -7.58 8.16
N GLY D 8 9.22 -6.85 8.27
CA GLY D 8 10.51 -7.51 8.15
C GLY D 8 11.23 -7.42 6.83
N TYR D 9 11.63 -8.57 6.30
CA TYR D 9 12.66 -8.65 5.28
C TYR D 9 12.16 -9.16 3.93
N GLY D 10 10.90 -8.85 3.61
CA GLY D 10 10.33 -9.34 2.38
C GLY D 10 10.85 -8.64 1.13
N GLU D 11 11.25 -7.38 1.26
CA GLU D 11 11.70 -6.59 0.11
C GLU D 11 13.21 -6.72 -0.12
N GLN D 12 13.60 -6.60 -1.39
CA GLN D 12 15.02 -6.53 -1.75
C GLN D 12 15.62 -5.18 -1.37
N PRO D 13 16.93 -5.12 -1.14
CA PRO D 13 17.93 -6.20 -1.15
C PRO D 13 17.94 -7.01 0.15
N PHE D 14 17.07 -6.64 1.09
CA PHE D 14 17.08 -7.23 2.42
C PHE D 14 16.70 -8.72 2.40
N ARG D 15 15.79 -9.11 1.52
CA ARG D 15 15.45 -10.51 1.40
C ARG D 15 16.67 -11.36 1.09
N ASP D 16 17.52 -10.87 0.20
CA ASP D 16 18.69 -11.63 -0.22
C ASP D 16 19.78 -11.60 0.83
N LEU D 17 19.85 -10.50 1.58
CA LEU D 17 20.80 -10.41 2.69
C LEU D 17 20.46 -11.44 3.78
N CYS D 18 19.19 -11.52 4.15
CA CYS D 18 18.77 -12.41 5.23
C CYS D 18 18.75 -13.87 4.82
N ALA D 19 18.78 -14.13 3.51
CA ALA D 19 18.78 -15.50 3.03
C ALA D 19 20.20 -16.00 2.84
N ASN D 20 21.17 -15.09 2.92
CA ASN D 20 22.58 -15.43 2.72
C ASN D 20 23.48 -14.77 3.75
N TYR D 21 23.33 -15.15 5.00
CA TYR D 21 24.07 -14.50 6.09
C TYR D 21 25.25 -15.37 6.49
N PRO D 22 26.30 -14.76 7.06
CA PRO D 22 27.49 -15.52 7.46
C PRO D 22 27.28 -16.38 8.69
N GLY D 23 27.94 -17.54 8.73
CA GLY D 23 27.91 -18.40 9.90
C GLY D 23 29.28 -18.59 10.49
N ALA D 24 29.62 -19.84 10.81
CA ALA D 24 30.86 -20.16 11.50
C ALA D 24 32.11 -19.84 10.67
N GLU D 25 31.99 -19.73 9.35
CA GLU D 25 33.17 -19.44 8.52
C GLU D 25 33.70 -18.02 8.72
N ALA D 26 32.83 -17.13 9.22
CA ALA D 26 33.23 -15.75 9.47
C ALA D 26 33.27 -15.43 10.95
N TYR D 27 32.31 -15.98 11.69
CA TYR D 27 32.21 -15.76 13.12
C TYR D 27 32.64 -17.02 13.87
N ASP D 28 33.76 -16.94 14.58
CA ASP D 28 34.28 -18.06 15.33
C ASP D 28 33.21 -18.62 16.29
N PRO D 29 32.94 -19.93 16.21
CA PRO D 29 31.84 -20.54 16.99
C PRO D 29 32.07 -20.52 18.49
N HIS D 30 33.32 -20.33 18.93
CA HIS D 30 33.57 -20.18 20.35
C HIS D 30 33.45 -18.73 20.80
N ASP D 31 33.94 -17.78 20.00
CA ASP D 31 33.99 -16.40 20.45
C ASP D 31 32.71 -15.61 20.21
N PHE D 32 31.77 -16.21 19.47
CA PHE D 32 30.51 -15.57 19.15
C PHE D 32 29.38 -16.55 19.42
N ARG D 33 28.27 -16.06 19.95
CA ARG D 33 27.15 -16.95 20.22
C ARG D 33 26.37 -17.18 18.93
N ILE D 34 26.99 -17.85 17.95
CA ILE D 34 26.27 -18.10 16.69
C ILE D 34 25.12 -19.09 16.86
N GLU D 35 25.09 -19.78 17.99
CA GLU D 35 24.08 -20.80 18.23
C GLU D 35 22.67 -20.23 18.28
N TRP D 36 22.55 -18.92 18.49
CA TRP D 36 21.21 -18.31 18.59
C TRP D 36 20.69 -17.76 17.26
N GLY D 37 21.51 -17.84 16.21
CA GLY D 37 21.12 -17.26 14.94
C GLY D 37 21.34 -15.75 14.89
N PRO D 38 21.44 -15.18 13.67
CA PRO D 38 21.74 -13.75 13.51
C PRO D 38 20.54 -12.88 13.84
N ILE D 39 20.77 -11.69 14.38
CA ILE D 39 19.75 -10.67 14.55
C ILE D 39 20.18 -9.44 13.75
N PHE D 40 19.30 -8.97 12.89
CA PHE D 40 19.69 -8.10 11.80
C PHE D 40 19.61 -6.60 12.00
N HIS D 41 18.52 -6.11 12.49
CA HIS D 41 18.27 -4.72 12.51
C HIS D 41 17.22 -4.37 13.57
N ARG D 42 16.89 -3.10 13.64
CA ARG D 42 15.66 -2.53 14.20
C ARG D 42 15.29 -1.25 13.49
N GLY D 43 14.00 -1.01 13.32
CA GLY D 43 13.51 0.19 12.67
C GLY D 43 13.15 0.13 11.18
N ARG D 44 13.26 1.25 10.50
CA ARG D 44 12.79 1.38 9.12
C ARG D 44 13.71 0.87 8.04
N LEU D 45 13.16 0.14 7.12
CA LEU D 45 13.90 -0.38 6.01
C LEU D 45 13.22 0.07 4.74
N ASP D 46 12.24 0.92 4.85
CA ASP D 46 11.56 1.40 3.67
C ASP D 46 12.11 2.69 3.02
N GLY D 47 13.25 3.15 3.48
CA GLY D 47 13.80 4.42 3.10
C GLY D 47 13.40 5.62 3.93
N SER D 48 12.56 5.46 4.92
CA SER D 48 12.13 6.58 5.73
C SER D 48 13.01 6.99 6.91
N ALA D 49 14.02 6.20 7.17
CA ALA D 49 14.90 6.46 8.30
C ALA D 49 15.72 7.73 8.03
N ARG D 50 15.83 8.57 9.06
CA ARG D 50 16.62 9.78 9.01
C ARG D 50 17.94 9.67 9.81
N VAL D 51 17.96 8.79 10.82
CA VAL D 51 19.16 8.58 11.63
C VAL D 51 19.56 7.11 11.61
N LEU D 52 20.83 6.81 11.38
CA LEU D 52 21.36 5.46 11.47
C LEU D 52 22.07 5.27 12.80
N ILE D 53 21.68 4.23 13.55
CA ILE D 53 22.39 3.87 14.79
C ILE D 53 23.25 2.65 14.54
N VAL D 54 24.53 2.73 14.90
CA VAL D 54 25.36 1.54 14.82
C VAL D 54 25.66 1.03 16.23
N GLY D 55 25.11 -0.11 16.61
CA GLY D 55 25.33 -0.64 17.94
C GLY D 55 26.45 -1.66 17.93
N GLN D 56 26.65 -2.35 19.04
CA GLN D 56 27.73 -3.31 19.09
C GLN D 56 27.30 -4.76 18.80
N ASP D 57 26.58 -5.39 19.72
CA ASP D 57 26.20 -6.79 19.55
C ASP D 57 25.00 -7.09 20.42
N PRO D 58 24.16 -8.07 20.00
CA PRO D 58 22.90 -8.36 20.68
C PRO D 58 23.07 -9.22 21.94
N ALA D 59 22.07 -9.19 22.82
CA ALA D 59 22.07 -10.01 24.03
C ALA D 59 20.78 -10.81 24.11
N GLN D 60 20.35 -11.20 25.32
CA GLN D 60 19.32 -12.22 25.40
C GLN D 60 17.91 -11.72 25.05
N HIS D 61 17.57 -10.46 25.35
CA HIS D 61 16.27 -9.94 24.98
C HIS D 61 16.12 -9.88 23.46
N GLU D 62 17.18 -9.44 22.79
CA GLU D 62 17.24 -9.34 21.34
C GLU D 62 17.12 -10.74 20.73
N THR D 63 17.70 -11.71 21.41
CA THR D 63 17.64 -13.09 20.95
C THR D 63 16.22 -13.65 20.89
N ILE D 64 15.34 -13.15 21.75
CA ILE D 64 13.95 -13.58 21.72
C ILE D 64 13.10 -12.73 20.77
N VAL D 65 13.24 -11.42 20.85
CA VAL D 65 12.41 -10.54 20.04
C VAL D 65 12.81 -10.57 18.56
N ARG D 66 14.09 -10.81 18.30
CA ARG D 66 14.67 -10.89 16.95
C ARG D 66 14.84 -9.52 16.28
N ARG D 67 14.92 -8.48 17.09
CA ARG D 67 15.33 -7.16 16.60
C ARG D 67 16.40 -6.67 17.57
N ILE D 68 17.31 -5.83 17.11
CA ILE D 68 18.42 -5.45 17.97
C ILE D 68 18.00 -4.32 18.90
N LEU D 69 18.82 -4.10 19.93
CA LEU D 69 18.63 -2.99 20.88
C LEU D 69 17.21 -2.90 21.49
N VAL D 70 16.75 -3.96 22.14
CA VAL D 70 15.41 -3.90 22.73
C VAL D 70 15.43 -4.01 24.25
N GLY D 71 16.63 -4.09 24.81
CA GLY D 71 16.80 -4.10 26.26
C GLY D 71 17.01 -2.70 26.86
N THR D 72 17.75 -2.63 27.95
CA THR D 72 18.02 -1.36 28.63
C THR D 72 18.82 -0.41 27.73
N ALA D 73 19.80 -0.94 27.01
CA ALA D 73 20.56 -0.15 26.07
C ALA D 73 19.61 0.46 25.02
N GLY D 74 18.59 -0.30 24.62
CA GLY D 74 17.63 0.14 23.60
C GLY D 74 16.74 1.26 24.06
N ARG D 75 16.30 1.18 25.30
CA ARG D 75 15.39 2.19 25.81
C ARG D 75 16.09 3.53 26.07
N ARG D 76 17.37 3.46 26.43
CA ARG D 76 18.20 4.66 26.61
C ARG D 76 18.48 5.31 25.28
N THR D 77 18.76 4.48 24.27
CA THR D 77 18.98 4.97 22.92
C THR D 77 17.71 5.61 22.37
N GLN D 78 16.54 5.00 22.63
CA GLN D 78 15.25 5.58 22.21
C GLN D 78 15.04 6.99 22.70
N GLY D 79 15.40 7.21 23.97
CA GLY D 79 15.23 8.49 24.62
C GLY D 79 16.16 9.55 24.06
N PHE D 80 17.37 9.12 23.68
CA PHE D 80 18.33 9.97 23.01
C PHE D 80 17.73 10.47 21.68
N LEU D 81 17.22 9.54 20.88
CA LEU D 81 16.58 9.86 19.62
C LEU D 81 15.36 10.74 19.82
N ALA D 82 14.58 10.46 20.84
CA ALA D 82 13.42 11.28 21.18
C ALA D 82 13.82 12.72 21.43
N LYS D 83 15.02 12.94 21.96
CA LYS D 83 15.46 14.29 22.26
C LYS D 83 15.75 15.09 20.98
N LEU D 84 16.05 14.39 19.90
CA LEU D 84 16.20 14.97 18.59
C LEU D 84 14.87 15.01 17.82
N GLY D 85 13.76 14.68 18.48
CA GLY D 85 12.47 14.66 17.81
C GLY D 85 12.28 13.47 16.89
N ILE D 86 13.15 12.47 17.02
CA ILE D 86 13.07 11.25 16.21
C ILE D 86 12.31 10.17 17.01
N VAL D 87 11.10 9.85 16.54
CA VAL D 87 10.20 8.92 17.23
C VAL D 87 10.13 7.57 16.52
N GLN D 88 10.20 7.59 15.20
CA GLN D 88 10.16 6.34 14.45
C GLN D 88 11.11 6.30 13.27
N SER D 89 11.64 7.46 12.88
CA SER D 89 12.43 7.55 11.67
C SER D 89 13.92 7.26 11.88
N TYR D 90 14.22 6.01 12.23
CA TYR D 90 15.58 5.55 12.46
C TYR D 90 15.74 4.17 11.91
N VAL D 91 16.99 3.73 11.81
CA VAL D 91 17.28 2.35 11.50
C VAL D 91 18.57 2.03 12.28
N MSE D 92 18.67 0.80 12.77
CA MSE D 92 19.79 0.40 13.61
C MSE D 92 20.38 -0.90 13.11
O MSE D 92 19.65 -1.79 12.72
CB MSE D 92 19.33 0.24 15.05
CG MSE D 92 18.34 1.31 15.45
SE MSE D 92 17.91 1.15 17.31
CE MSE D 92 16.92 2.81 17.61
N VAL D 93 21.70 -1.01 13.07
CA VAL D 93 22.35 -2.27 12.73
C VAL D 93 23.50 -2.45 13.70
N ASN D 94 23.91 -3.69 13.91
CA ASN D 94 24.99 -3.93 14.85
C ASN D 94 26.30 -4.13 14.13
N THR D 95 27.38 -3.85 14.87
CA THR D 95 28.72 -4.21 14.45
C THR D 95 28.83 -5.68 14.14
N PHE D 96 28.28 -6.51 15.04
CA PHE D 96 28.28 -7.95 14.90
C PHE D 96 26.87 -8.53 14.82
N LEU D 97 26.70 -9.53 13.97
CA LEU D 97 25.41 -10.21 13.80
C LEU D 97 25.04 -11.08 15.00
N TYR D 98 26.08 -11.48 15.74
CA TYR D 98 25.94 -12.42 16.84
C TYR D 98 26.51 -11.80 18.09
N SER D 99 26.00 -12.25 19.22
CA SER D 99 26.50 -11.83 20.52
C SER D 99 27.96 -12.24 20.70
N VAL D 100 28.77 -11.37 21.27
CA VAL D 100 30.14 -11.72 21.65
C VAL D 100 30.14 -12.66 22.84
N TYR D 101 30.89 -13.73 22.74
CA TYR D 101 31.08 -14.62 23.85
C TYR D 101 32.45 -14.50 24.39
N GLY D 102 32.53 -14.15 25.63
CA GLY D 102 33.82 -14.13 26.30
C GLY D 102 34.31 -12.73 26.59
N GLN D 103 35.52 -12.63 27.14
CA GLN D 103 36.10 -11.34 27.47
C GLN D 103 36.47 -10.56 26.21
N SER D 104 35.45 -10.03 25.53
CA SER D 104 35.66 -9.25 24.31
C SER D 104 36.11 -9.72 22.93
N GLY D 105 35.62 -10.88 22.51
CA GLY D 105 35.96 -11.42 21.21
C GLY D 105 35.04 -11.41 20.01
N GLY D 106 34.65 -10.22 19.55
CA GLY D 106 35.05 -8.95 20.13
C GLY D 106 36.10 -8.24 19.29
N SER D 107 36.84 -7.32 19.91
CA SER D 107 37.87 -6.56 19.22
C SER D 107 38.98 -7.48 18.72
N LYS D 108 38.75 -8.79 18.81
CA LYS D 108 39.73 -9.76 18.36
C LYS D 108 39.45 -10.21 16.94
N HIS D 109 38.20 -10.09 16.52
CA HIS D 109 37.82 -10.47 15.20
C HIS D 109 37.24 -9.29 14.51
N LYS D 110 37.43 -8.13 15.05
CA LYS D 110 36.86 -6.93 14.47
C LYS D 110 37.22 -6.65 13.02
N ASN D 111 38.31 -7.21 12.53
CA ASN D 111 38.70 -7.00 11.17
C ASN D 111 38.48 -8.16 10.23
N GLU D 112 37.86 -9.22 10.69
CA GLU D 112 37.63 -10.40 9.87
C GLU D 112 36.81 -10.06 8.62
N PRO D 113 37.35 -10.40 7.44
CA PRO D 113 36.70 -10.00 6.18
C PRO D 113 35.27 -10.49 6.05
N GLY D 114 35.03 -11.75 6.41
CA GLY D 114 33.68 -12.31 6.37
C GLY D 114 32.68 -11.49 7.15
N ILE D 115 33.10 -10.99 8.30
CA ILE D 115 32.24 -10.18 9.14
C ILE D 115 32.03 -8.81 8.53
N VAL D 116 33.15 -8.15 8.23
CA VAL D 116 33.14 -6.78 7.72
C VAL D 116 32.43 -6.64 6.38
N ASP D 117 32.70 -7.55 5.46
CA ASP D 117 32.09 -7.47 4.13
C ASP D 117 30.58 -7.55 4.21
N TYR D 118 30.06 -8.45 5.04
CA TYR D 118 28.61 -8.59 5.15
C TYR D 118 27.97 -7.35 5.79
N ARG D 119 28.58 -6.85 6.84
CA ARG D 119 28.08 -5.66 7.52
C ARG D 119 28.03 -4.49 6.56
N ASN D 120 29.05 -4.37 5.70
CA ASN D 120 29.07 -3.29 4.73
C ASN D 120 27.89 -3.36 3.74
N LYS D 121 27.48 -4.56 3.36
CA LYS D 121 26.28 -4.65 2.52
C LYS D 121 25.05 -4.05 3.19
N TRP D 122 24.93 -4.20 4.52
CA TRP D 122 23.78 -3.61 5.22
C TRP D 122 23.89 -2.08 5.23
N PHE D 123 25.10 -1.57 5.49
CA PHE D 123 25.37 -0.13 5.42
C PHE D 123 24.97 0.41 4.05
N LYS D 124 25.48 -0.22 3.00
CA LYS D 124 25.17 0.20 1.63
C LYS D 124 23.66 0.18 1.36
N ALA D 125 22.98 -0.87 1.81
CA ALA D 125 21.54 -1.04 1.60
C ALA D 125 20.71 -0.01 2.37
N VAL D 126 21.12 0.26 3.59
CA VAL D 126 20.40 1.18 4.44
C VAL D 126 20.68 2.66 4.06
N LEU D 127 21.89 2.95 3.59
CA LEU D 127 22.27 4.32 3.22
C LEU D 127 21.86 4.68 1.80
N GLY D 128 21.65 3.66 0.97
CA GLY D 128 21.31 3.81 -0.44
C GLY D 128 20.30 4.88 -0.85
N PRO D 129 19.07 4.82 -0.29
CA PRO D 129 18.02 5.79 -0.62
C PRO D 129 18.44 7.25 -0.39
N GLY D 130 19.47 7.46 0.42
CA GLY D 130 20.06 8.78 0.59
C GLY D 130 19.33 9.71 1.55
N ASN D 131 18.53 9.15 2.44
CA ASN D 131 17.71 9.95 3.34
C ASN D 131 18.28 10.03 4.77
N ILE D 132 19.35 9.31 5.01
CA ILE D 132 20.00 9.36 6.32
C ILE D 132 20.76 10.67 6.47
N GLU D 133 20.43 11.48 7.47
CA GLU D 133 21.09 12.75 7.67
C GLU D 133 22.09 12.73 8.86
N ALA D 134 22.05 11.70 9.70
CA ALA D 134 23.00 11.60 10.84
C ALA D 134 23.26 10.15 11.23
N VAL D 135 24.48 9.87 11.64
CA VAL D 135 24.86 8.54 12.07
C VAL D 135 25.41 8.59 13.49
N VAL D 136 24.96 7.67 14.32
CA VAL D 136 25.42 7.60 15.70
C VAL D 136 25.96 6.22 16.03
N SER D 137 27.19 6.15 16.50
CA SER D 137 27.75 4.86 16.89
C SER D 137 27.75 4.72 18.42
N LEU D 138 27.43 3.51 18.89
CA LEU D 138 27.36 3.21 20.31
C LEU D 138 28.60 2.42 20.72
N GLY D 139 29.62 3.13 21.20
CA GLY D 139 30.82 2.46 21.66
C GLY D 139 31.95 2.37 20.66
N GLY D 140 33.10 1.91 21.14
CA GLY D 140 34.31 1.84 20.34
C GLY D 140 34.35 0.89 19.17
N LEU D 141 33.82 -0.31 19.31
CA LEU D 141 33.79 -1.23 18.16
C LEU D 141 32.87 -0.73 17.05
N ALA D 142 31.79 -0.06 17.45
CA ALA D 142 30.82 0.51 16.50
C ALA D 142 31.48 1.65 15.77
N ASP D 143 32.27 2.43 16.50
CA ASP D 143 32.97 3.56 15.90
C ASP D 143 34.00 3.05 14.91
N GLU D 144 34.76 2.02 15.27
CA GLU D 144 35.73 1.47 14.34
C GLU D 144 35.03 0.82 13.14
N ALA D 145 33.80 0.34 13.33
CA ALA D 145 33.02 -0.26 12.25
C ALA D 145 32.58 0.78 11.22
N TRP D 146 32.17 1.94 11.69
CA TRP D 146 31.79 3.01 10.79
C TRP D 146 33.00 3.49 10.01
N LYS D 147 34.14 3.64 10.70
CA LYS D 147 35.37 4.11 10.06
C LYS D 147 35.85 3.12 9.02
N ALA D 148 35.69 1.83 9.30
CA ALA D 148 36.06 0.83 8.30
C ALA D 148 35.16 0.96 7.06
N TRP D 149 33.89 1.28 7.27
CA TRP D 149 32.97 1.51 6.15
C TRP D 149 33.47 2.69 5.30
N LEU D 150 33.89 3.77 5.95
CA LEU D 150 34.35 4.95 5.24
C LEU D 150 35.61 4.71 4.42
N LYS D 151 36.40 3.71 4.80
CA LYS D 151 37.63 3.40 4.07
C LYS D 151 37.35 2.54 2.84
N SER D 152 36.15 1.97 2.73
CA SER D 152 35.80 1.15 1.57
C SER D 152 35.32 2.04 0.43
N SER D 153 35.28 1.49 -0.78
CA SER D 153 34.93 2.26 -1.98
C SER D 153 33.54 2.87 -1.86
N ASP D 154 32.59 2.04 -1.48
CA ASP D 154 31.21 2.51 -1.37
C ASP D 154 31.02 3.46 -0.20
N GLY D 155 31.87 3.35 0.82
CA GLY D 155 31.71 4.19 1.99
C GLY D 155 32.30 5.59 1.84
N ALA D 156 33.21 5.76 0.86
CA ALA D 156 33.87 7.04 0.64
C ALA D 156 32.85 8.18 0.46
N ALA D 157 31.70 7.87 -0.13
CA ALA D 157 30.69 8.90 -0.37
C ALA D 157 30.07 9.43 0.93
N TYR D 158 30.32 8.77 2.05
CA TYR D 158 29.64 9.14 3.30
C TYR D 158 30.56 9.82 4.33
N LYS D 159 31.78 10.18 3.93
CA LYS D 159 32.71 10.87 4.84
C LYS D 159 32.21 12.22 5.34
N THR D 160 31.33 12.87 4.59
CA THR D 160 30.80 14.17 4.99
C THR D 160 29.51 14.07 5.79
N LEU D 161 28.96 12.86 5.89
CA LEU D 161 27.71 12.65 6.62
C LEU D 161 27.90 12.87 8.11
N ALA D 162 27.06 13.71 8.72
CA ALA D 162 27.14 14.04 10.14
C ALA D 162 27.22 12.79 11.00
N TYR D 163 28.19 12.74 11.90
CA TYR D 163 28.51 11.52 12.62
C TYR D 163 28.94 11.80 14.05
N GLN D 164 28.41 11.03 15.01
CA GLN D 164 28.84 11.15 16.40
C GLN D 164 29.06 9.77 17.00
N HIS D 165 30.22 9.57 17.61
CA HIS D 165 30.54 8.42 18.44
C HIS D 165 30.20 8.78 19.87
N ILE D 166 29.30 8.03 20.48
CA ILE D 166 28.93 8.28 21.87
C ILE D 166 29.20 7.05 22.72
N THR D 167 29.27 7.24 24.03
CA THR D 167 29.54 6.15 24.94
C THR D 167 28.38 5.16 24.87
N HIS D 168 28.72 3.88 24.87
CA HIS D 168 27.73 2.82 24.83
C HIS D 168 26.77 2.95 26.02
N PRO D 169 25.44 2.90 25.77
CA PRO D 169 24.40 3.16 26.78
C PRO D 169 24.60 2.44 28.14
N THR D 170 25.13 1.23 28.13
CA THR D 170 25.27 0.48 29.38
C THR D 170 26.71 0.46 29.93
N TRP D 171 27.54 1.38 29.44
CA TRP D 171 28.89 1.50 29.99
C TRP D 171 28.91 1.78 31.50
N PRO D 172 28.03 2.66 32.00
CA PRO D 172 28.13 2.86 33.46
C PRO D 172 27.97 1.58 34.28
N GLU D 173 27.05 0.69 33.91
CA GLU D 173 26.83 -0.51 34.73
C GLU D 173 27.90 -1.57 34.47
N SER D 174 28.59 -1.52 33.34
CA SER D 174 29.59 -2.55 33.07
C SER D 174 30.96 -2.14 33.61
N SER D 175 31.11 -0.88 33.97
CA SER D 175 32.38 -0.32 34.40
C SER D 175 32.64 -0.55 35.89
N ALA D 176 31.57 -0.75 36.64
CA ALA D 176 31.68 -0.91 38.07
C ALA D 176 30.40 -1.54 38.61
N HIS D 177 30.51 -2.27 39.72
CA HIS D 177 29.35 -2.87 40.36
C HIS D 177 28.84 -1.94 41.45
N ASP D 178 29.74 -1.13 41.98
CA ASP D 178 29.43 -0.15 43.01
C ASP D 178 28.35 0.85 42.58
N SER D 179 27.35 1.05 43.41
CA SER D 179 26.27 2.00 43.14
C SER D 179 26.76 3.45 42.98
N ALA D 180 27.75 3.85 43.77
CA ALA D 180 28.23 5.23 43.75
C ALA D 180 29.05 5.53 42.49
N THR D 181 29.81 4.55 42.05
CA THR D 181 30.63 4.70 40.86
C THR D 181 29.77 4.67 39.60
N GLN D 182 28.70 3.89 39.63
CA GLN D 182 27.77 3.84 38.52
C GLN D 182 27.13 5.19 38.31
N ALA D 183 26.71 5.84 39.39
CA ALA D 183 26.14 7.18 39.28
C ALA D 183 27.18 8.17 38.74
N ALA D 184 28.44 8.04 39.18
CA ALA D 184 29.48 8.95 38.73
C ALA D 184 29.76 8.74 37.26
N ASN D 185 29.79 7.48 36.82
CA ASN D 185 30.02 7.22 35.42
C ASN D 185 28.82 7.63 34.54
N THR D 186 27.60 7.54 35.11
CA THR D 186 26.40 7.96 34.41
C THR D 186 26.43 9.46 34.15
N LYS D 187 26.92 10.21 35.13
CA LYS D 187 27.00 11.67 34.99
C LYS D 187 27.97 12.04 33.89
N ILE D 188 29.10 11.34 33.85
CA ILE D 188 30.09 11.54 32.81
C ILE D 188 29.53 11.17 31.43
N MSE D 189 28.85 10.02 31.33
CA MSE D 189 28.28 9.60 30.05
C MSE D 189 27.28 10.62 29.53
O MSE D 189 27.31 10.98 28.35
CB MSE D 189 27.61 8.23 30.15
CG MSE D 189 26.91 7.84 28.85
SE MSE D 189 26.19 6.04 28.92
CE MSE D 189 24.62 6.47 29.97
N LEU D 190 26.40 11.08 30.40
CA LEU D 190 25.35 11.98 29.98
C LEU D 190 25.89 13.34 29.55
N ALA D 191 27.02 13.75 30.12
CA ALA D 191 27.65 15.00 29.68
C ALA D 191 28.11 14.82 28.25
N LYS D 192 28.67 13.65 27.95
CA LYS D 192 29.09 13.36 26.60
C LYS D 192 27.89 13.23 25.66
N TRP D 193 26.79 12.63 26.13
CA TRP D 193 25.60 12.52 25.28
C TRP D 193 25.04 13.91 24.96
N ASN D 194 25.09 14.83 25.94
CA ASN D 194 24.67 16.21 25.72
C ASN D 194 25.50 16.90 24.65
N ALA D 195 26.78 16.56 24.57
CA ALA D 195 27.64 17.14 23.54
C ALA D 195 27.25 16.60 22.16
N ALA D 196 27.01 15.30 22.07
CA ALA D 196 26.58 14.71 20.80
C ALA D 196 25.25 15.31 20.35
N LEU D 197 24.33 15.49 21.28
CA LEU D 197 23.04 16.10 20.94
C LEU D 197 23.25 17.51 20.38
N ALA D 198 24.12 18.27 21.02
CA ALA D 198 24.40 19.63 20.58
C ALA D 198 24.93 19.63 19.16
N ALA D 199 25.82 18.69 18.85
CA ALA D 199 26.35 18.60 17.50
C ALA D 199 25.30 18.07 16.49
N LEU D 200 24.39 17.19 16.94
CA LEU D 200 23.47 16.54 15.99
C LEU D 200 22.17 17.29 15.73
N ALA D 201 21.68 18.02 16.73
CA ALA D 201 20.43 18.77 16.61
C ALA D 201 20.31 19.62 15.32
N PRO D 202 21.37 20.36 14.94
CA PRO D 202 21.22 21.14 13.71
C PRO D 202 21.28 20.29 12.42
N GLU D 203 21.65 19.02 12.53
CA GLU D 203 21.76 18.18 11.34
C GLU D 203 20.51 17.31 11.14
N VAL D 204 19.69 17.19 12.19
CA VAL D 204 18.42 16.46 12.07
C VAL D 204 17.35 17.45 11.66
N LYS D 205 17.31 17.68 10.36
CA LYS D 205 16.44 18.66 9.75
C LYS D 205 15.01 18.12 9.57
N HIS D 206 14.86 16.79 9.67
CA HIS D 206 13.56 16.16 9.44
C HIS D 206 13.07 15.36 10.62
N PRO D 207 12.81 16.05 11.73
CA PRO D 207 12.28 15.28 12.86
C PRO D 207 10.84 14.84 12.61
N ASP D 208 10.42 13.78 13.29
CA ASP D 208 9.03 13.34 13.27
C ASP D 208 8.19 14.35 14.03
N VAL D 209 8.77 14.86 15.10
CA VAL D 209 8.14 15.85 15.96
C VAL D 209 9.13 16.97 16.23
N PRO D 210 8.84 18.18 15.76
CA PRO D 210 9.73 19.31 16.04
C PRO D 210 9.91 19.52 17.56
N THR D 211 11.15 19.55 18.03
CA THR D 211 11.39 19.50 19.46
C THR D 211 12.53 20.44 19.83
N THR D 212 12.36 21.18 20.91
CA THR D 212 13.47 21.97 21.42
C THR D 212 14.33 21.06 22.28
N LEU D 213 15.65 21.12 22.05
CA LEU D 213 16.58 20.22 22.70
C LEU D 213 16.56 20.44 24.20
N VAL D 214 16.27 19.36 24.95
CA VAL D 214 16.30 19.39 26.40
C VAL D 214 17.45 18.53 26.91
N PRO D 215 18.54 19.17 27.37
CA PRO D 215 19.73 18.40 27.75
C PRO D 215 19.48 17.47 28.94
N TYR D 216 20.26 16.40 29.00
CA TYR D 216 20.26 15.51 30.14
C TYR D 216 20.78 16.22 31.38
N GLY D 217 20.30 15.79 32.54
CA GLY D 217 20.85 16.15 33.84
C GLY D 217 22.00 15.23 34.19
N ASP D 218 22.18 14.90 35.47
CA ASP D 218 23.29 14.01 35.84
C ASP D 218 22.87 12.55 35.85
N ALA D 219 21.58 12.28 36.10
CA ALA D 219 21.04 10.92 36.00
C ALA D 219 19.85 10.88 35.02
N PHE D 220 19.54 9.69 34.52
CA PHE D 220 18.35 9.50 33.69
C PHE D 220 17.09 9.83 34.47
N LYS D 221 16.25 10.67 33.87
CA LYS D 221 14.90 10.89 34.37
C LYS D 221 14.01 9.85 33.71
N PRO D 222 12.88 9.52 34.34
CA PRO D 222 11.98 8.48 33.80
C PRO D 222 11.48 8.78 32.39
N SER D 223 11.25 10.06 32.10
CA SER D 223 10.71 10.45 30.81
C SER D 223 11.72 10.29 29.68
N GLU D 224 12.99 10.08 30.03
CA GLU D 224 14.06 9.95 29.06
C GLU D 224 14.36 8.50 28.72
N LEU D 225 13.65 7.58 29.37
CA LEU D 225 13.69 6.17 29.02
C LEU D 225 12.42 5.79 28.26
N VAL D 226 12.58 5.56 26.96
CA VAL D 226 11.45 5.44 26.06
C VAL D 226 11.28 3.99 25.61
N ASP D 227 10.09 3.44 25.82
CA ASP D 227 9.78 2.10 25.39
C ASP D 227 9.88 1.94 23.88
N ILE D 228 10.37 0.79 23.43
CA ILE D 228 10.43 0.47 22.02
C ILE D 228 8.98 0.43 21.45
N ILE D 229 8.81 1.00 20.26
CA ILE D 229 7.48 1.13 19.66
C ILE D 229 7.07 -0.16 18.95
N ALA D 230 5.75 -0.40 18.88
CA ALA D 230 5.21 -1.64 18.31
C ALA D 230 5.63 -1.85 16.86
N LYS D 231 5.76 -0.76 16.12
CA LYS D 231 6.15 -0.82 14.72
C LYS D 231 7.52 -1.50 14.52
N ASP D 232 8.34 -1.56 15.58
CA ASP D 232 9.66 -2.19 15.48
C ASP D 232 9.65 -3.74 15.70
N LEU D 233 8.57 -4.26 16.25
CA LEU D 233 8.52 -5.68 16.60
C LEU D 233 7.66 -6.51 15.63
N PRO D 234 8.07 -7.76 15.35
CA PRO D 234 7.29 -8.69 14.53
C PRO D 234 5.83 -8.81 14.96
N ALA D 235 4.95 -9.18 14.03
CA ALA D 235 3.51 -9.21 14.28
C ALA D 235 3.14 -10.12 15.45
N GLY D 236 2.36 -9.59 16.40
CA GLY D 236 1.86 -10.43 17.47
C GLY D 236 2.64 -10.43 18.79
N LEU D 237 3.85 -9.89 18.81
CA LEU D 237 4.62 -9.83 20.05
C LEU D 237 3.87 -8.97 21.06
N PRO D 238 3.72 -9.47 22.29
CA PRO D 238 2.96 -8.79 23.33
C PRO D 238 3.65 -7.54 23.83
N ALA D 239 2.89 -6.58 24.32
CA ALA D 239 3.41 -5.27 24.70
C ALA D 239 4.48 -5.27 25.81
N TRP D 240 4.48 -6.26 26.69
CA TRP D 240 5.45 -6.26 27.78
C TRP D 240 6.88 -6.53 27.28
N MSE D 241 6.99 -7.17 26.12
CA MSE D 241 8.32 -7.41 25.53
C MSE D 241 8.99 -6.09 25.11
O MSE D 241 10.20 -6.02 24.93
CB MSE D 241 8.21 -8.36 24.33
CG MSE D 241 8.03 -9.81 24.74
SE MSE D 241 8.27 -11.02 23.24
CE MSE D 241 7.92 -12.70 24.19
N ARG D 242 8.18 -5.05 24.96
CA ARG D 242 8.66 -3.69 24.68
C ARG D 242 8.20 -2.75 25.78
N GLY D 243 8.21 -3.25 27.02
CA GLY D 243 7.87 -2.47 28.21
C GLY D 243 9.13 -2.06 28.95
N ASP D 244 9.01 -1.70 30.22
CA ASP D 244 10.16 -1.17 30.96
C ASP D 244 10.81 -2.16 31.93
N THR D 245 10.29 -3.37 32.00
CA THR D 245 10.78 -4.37 32.97
C THR D 245 11.53 -5.50 32.27
N PRO D 246 12.77 -5.81 32.73
CA PRO D 246 13.58 -6.96 32.28
C PRO D 246 12.77 -8.26 32.29
N TRP D 247 12.95 -9.10 31.29
CA TRP D 247 12.13 -10.31 31.20
C TRP D 247 12.86 -11.53 30.62
N ALA D 248 14.13 -11.37 30.29
CA ALA D 248 14.91 -12.50 29.81
C ALA D 248 16.26 -12.53 30.50
N VAL D 249 16.75 -13.72 30.85
CA VAL D 249 18.07 -13.81 31.44
C VAL D 249 18.72 -15.11 30.99
N ARG D 250 20.04 -15.13 30.89
CA ARG D 250 20.75 -16.38 30.71
C ARG D 250 20.87 -17.10 32.07
N GLN D 251 20.75 -18.43 32.06
CA GLN D 251 20.63 -19.21 33.31
C GLN D 251 21.35 -20.54 33.23
N GLY D 252 22.18 -20.84 34.21
CA GLY D 252 22.82 -22.14 34.26
C GLY D 252 23.69 -22.29 35.48
N VAL D 253 23.98 -23.54 35.85
CA VAL D 253 24.75 -23.80 37.04
C VAL D 253 26.23 -23.47 36.81
N ASP D 254 26.69 -23.63 35.57
CA ASP D 254 28.08 -23.26 35.22
C ASP D 254 28.13 -22.71 33.78
N ALA D 255 29.33 -22.40 33.30
CA ALA D 255 29.48 -21.68 32.03
C ALA D 255 28.82 -22.40 30.87
N ALA D 256 29.09 -23.69 30.72
CA ALA D 256 28.51 -24.45 29.59
C ALA D 256 26.99 -24.45 29.67
N ALA D 257 26.43 -24.62 30.88
CA ALA D 257 24.97 -24.60 31.02
C ALA D 257 24.38 -23.22 30.71
N LYS D 258 25.05 -22.18 31.19
CA LYS D 258 24.54 -20.83 31.06
C LYS D 258 24.54 -20.42 29.58
N ARG D 259 25.47 -20.97 28.81
CA ARG D 259 25.56 -20.64 27.40
C ARG D 259 24.39 -21.22 26.61
N ARG D 260 23.79 -22.27 27.14
CA ARG D 260 22.75 -23.00 26.41
C ARG D 260 21.32 -22.58 26.73
N THR D 261 21.12 -21.77 27.76
CA THR D 261 19.77 -21.59 28.25
C THR D 261 19.40 -20.12 28.37
N ILE D 262 18.19 -19.79 27.92
CA ILE D 262 17.61 -18.48 28.18
C ILE D 262 16.27 -18.66 28.88
N MSE D 263 16.09 -17.99 30.01
CA MSE D 263 14.84 -18.02 30.76
C MSE D 263 14.04 -16.72 30.52
O MSE D 263 14.57 -15.62 30.68
CB MSE D 263 15.11 -18.20 32.26
CG MSE D 263 13.86 -18.46 33.08
SE MSE D 263 14.24 -18.64 35.00
CE MSE D 263 14.55 -16.78 35.49
N ILE D 264 12.78 -16.88 30.14
CA ILE D 264 11.88 -15.76 29.92
C ILE D 264 10.85 -15.71 31.03
N THR D 265 10.71 -14.58 31.70
CA THR D 265 9.67 -14.43 32.73
C THR D 265 8.82 -13.19 32.48
N ILE D 266 7.50 -13.38 32.32
CA ILE D 266 6.55 -12.29 32.13
C ILE D 266 6.47 -11.42 33.37
N PRO D 267 6.55 -10.09 33.19
CA PRO D 267 6.46 -9.14 34.31
C PRO D 267 5.16 -9.26 35.07
N ASP D 268 5.21 -8.99 36.37
CA ASP D 268 4.03 -9.11 37.24
C ASP D 268 2.99 -8.06 36.84
N GLY D 269 1.73 -8.45 36.89
CA GLY D 269 0.64 -7.53 36.54
C GLY D 269 0.05 -7.73 35.15
N VAL D 270 0.75 -8.46 34.29
CA VAL D 270 0.23 -8.75 32.96
C VAL D 270 -0.90 -9.77 33.04
N ILE D 271 -0.65 -10.86 33.76
CA ILE D 271 -1.67 -11.87 33.97
C ILE D 271 -2.57 -11.44 35.12
N PRO D 272 -3.89 -11.43 34.87
CA PRO D 272 -4.89 -11.00 35.85
C PRO D 272 -4.90 -11.87 37.11
#